data_5EGI
#
_entry.id   5EGI
#
_cell.length_a   102.050
_cell.length_b   102.050
_cell.length_c   279.990
_cell.angle_alpha   90.00
_cell.angle_beta   90.00
_cell.angle_gamma   90.00
#
_symmetry.space_group_name_H-M   'P 41 21 2'
#
loop_
_entity.id
_entity.type
_entity.pdbx_description
1 polymer 'Uncharacterized protein Y57A10A.10'
2 non-polymer '[(2R)-1-octadecanoyloxy-3-[oxidanyl-[(1R,2R,3S,4R,5R,6S)-2,3,6-tris(oxidanyl)-4,5-diphosphonooxy-cyclohexyl]oxy-phospho ryl]oxy-propan-2-yl] (8Z)-icosa-5,8,11,14-tetraenoate'
3 non-polymer 'CALCIUM ION'
4 non-polymer DECYL-BETA-D-MALTOPYRANOSIDE
5 water water
#
_entity_poly.entity_id   1
_entity_poly.type   'polypeptide(L)'
_entity_poly.pdbx_seq_one_letter_code
;MVVPESFQLDQEILLDAGAQLHRLKMYPYFDVAHYLLMIIEVRDDLGSAASIFSRKHPLSCWLSSMLMCFADAFLANFLL
GEPVIAPFKRHDDIILATIIWYLVFYAPFDGIYKIAKITPVKCVLAVMKEVKRAYKVSHGVSHAAKLYPNSYIVQVLVGT
AKGAGSGIVRTLEQLVRGVWLPTHNELLRPSFATKACVVAASVLALEKSGTYLTAPHDLVYLVIVGFFVYFKLSAVILHV
TDPFAPIENLFHHHHHH
;
_entity_poly.pdbx_strand_id   A,B,C
#
# COMPACT_ATOMS: atom_id res chain seq x y z
N GLN A 8 52.10 -5.20 -5.05
CA GLN A 8 52.73 -5.11 -3.70
C GLN A 8 52.15 -3.97 -2.87
N LEU A 9 52.44 -2.73 -3.26
CA LEU A 9 51.96 -1.55 -2.55
C LEU A 9 50.44 -1.37 -2.50
N ASP A 10 49.74 -1.84 -3.53
CA ASP A 10 48.28 -1.70 -3.61
C ASP A 10 47.49 -2.44 -2.53
N GLN A 11 47.91 -3.65 -2.19
CA GLN A 11 47.24 -4.46 -1.18
C GLN A 11 47.22 -3.76 0.18
N GLU A 12 48.30 -3.03 0.47
CA GLU A 12 48.45 -2.30 1.72
C GLU A 12 47.33 -1.31 2.03
N ILE A 13 47.31 -0.22 1.26
CA ILE A 13 46.36 0.89 1.40
C ILE A 13 44.87 0.56 1.63
N LEU A 14 44.44 -0.64 1.24
CA LEU A 14 43.03 -1.05 1.39
C LEU A 14 42.39 -0.94 2.77
N LEU A 15 43.10 -1.35 3.80
CA LEU A 15 42.57 -1.34 5.16
C LEU A 15 42.30 0.01 5.85
N ASP A 16 43.10 1.03 5.56
CA ASP A 16 42.93 2.35 6.18
C ASP A 16 41.60 3.05 5.95
N ALA A 17 41.20 3.16 4.69
CA ALA A 17 39.95 3.82 4.36
C ALA A 17 38.79 3.19 5.12
N GLY A 18 38.68 1.87 5.02
CA GLY A 18 37.61 1.16 5.70
C GLY A 18 37.40 1.53 7.14
N ALA A 19 38.47 1.48 7.94
CA ALA A 19 38.40 1.81 9.36
C ALA A 19 37.77 3.18 9.61
N GLN A 20 38.28 4.21 8.93
CA GLN A 20 37.74 5.56 9.07
C GLN A 20 36.40 5.70 8.35
N LEU A 21 36.21 4.92 7.30
CA LEU A 21 34.98 4.93 6.53
C LEU A 21 33.85 4.38 7.39
N HIS A 22 34.10 3.21 7.99
CA HIS A 22 33.12 2.55 8.85
C HIS A 22 32.83 3.43 10.08
N ARG A 23 33.87 4.06 10.61
CA ARG A 23 33.75 4.95 11.76
C ARG A 23 32.90 6.15 11.33
N LEU A 24 33.03 6.51 10.06
CA LEU A 24 32.34 7.64 9.47
C LEU A 24 30.83 7.62 9.63
N LYS A 25 30.31 8.64 10.31
CA LYS A 25 28.89 8.78 10.52
C LYS A 25 28.33 9.52 9.31
N MET A 26 27.17 9.08 8.82
CA MET A 26 26.54 9.75 7.69
C MET A 26 26.05 11.09 8.20
N TYR A 27 25.43 11.04 9.38
CA TYR A 27 24.93 12.25 10.03
C TYR A 27 26.15 13.14 10.30
N PRO A 28 25.98 14.46 10.19
CA PRO A 28 24.79 15.22 9.80
C PRO A 28 25.00 15.76 8.41
N TYR A 29 26.20 15.55 7.89
CA TYR A 29 26.57 16.06 6.59
C TYR A 29 26.06 15.27 5.39
N PHE A 30 26.06 13.95 5.49
CA PHE A 30 25.56 13.16 4.38
C PHE A 30 24.03 13.27 4.33
N ASP A 31 23.41 13.43 5.49
CA ASP A 31 21.97 13.57 5.55
C ASP A 31 21.57 14.90 4.93
N VAL A 32 22.36 15.95 5.15
CA VAL A 32 22.02 17.26 4.58
C VAL A 32 22.34 17.27 3.10
N ALA A 33 23.24 16.40 2.67
CA ALA A 33 23.59 16.30 1.26
C ALA A 33 22.36 15.70 0.59
N HIS A 34 22.02 14.49 1.02
CA HIS A 34 20.88 13.72 0.54
C HIS A 34 19.58 14.55 0.60
N TYR A 35 19.15 14.94 1.80
CA TYR A 35 17.93 15.73 1.95
C TYR A 35 17.91 16.82 0.92
N LEU A 36 19.01 17.57 0.88
CA LEU A 36 19.17 18.69 -0.05
C LEU A 36 18.84 18.32 -1.49
N LEU A 37 19.52 17.32 -2.03
CA LEU A 37 19.26 16.87 -3.40
C LEU A 37 17.79 16.49 -3.56
N MET A 38 17.34 15.52 -2.77
CA MET A 38 15.96 15.05 -2.81
C MET A 38 14.96 16.21 -2.77
N ILE A 39 15.02 17.03 -1.73
CA ILE A 39 14.06 18.15 -1.64
C ILE A 39 14.28 19.14 -2.80
N ILE A 40 15.44 19.08 -3.44
CA ILE A 40 15.69 19.98 -4.56
C ILE A 40 14.84 19.49 -5.71
N GLU A 41 14.98 18.19 -5.95
CA GLU A 41 14.25 17.49 -7.01
C GLU A 41 12.74 17.65 -6.82
N VAL A 42 12.29 17.56 -5.57
CA VAL A 42 10.87 17.72 -5.25
C VAL A 42 10.45 19.11 -5.77
N ARG A 43 11.37 20.06 -5.65
CA ARG A 43 11.11 21.42 -6.07
C ARG A 43 11.12 21.52 -7.61
N ASP A 44 12.06 20.82 -8.24
CA ASP A 44 12.18 20.84 -9.69
C ASP A 44 11.03 20.15 -10.40
N ASP A 45 10.58 19.02 -9.88
CA ASP A 45 9.48 18.33 -10.53
C ASP A 45 8.19 19.10 -10.35
N LEU A 46 8.23 20.07 -9.44
CA LEU A 46 7.07 20.91 -9.18
C LEU A 46 6.83 21.87 -10.33
N GLY A 47 7.78 21.85 -11.27
CA GLY A 47 7.71 22.70 -12.46
C GLY A 47 7.48 24.18 -12.24
N SER A 48 7.03 24.85 -13.30
CA SER A 48 6.75 26.27 -13.25
C SER A 48 5.92 26.64 -12.03
N ALA A 49 5.09 25.71 -11.57
CA ALA A 49 4.22 25.89 -10.42
C ALA A 49 4.97 26.00 -9.10
N ALA A 50 5.94 25.11 -8.91
CA ALA A 50 6.77 25.05 -7.71
C ALA A 50 6.72 26.34 -6.91
N SER A 51 6.99 27.46 -7.59
CA SER A 51 7.02 28.79 -6.98
C SER A 51 5.79 29.15 -6.14
N ILE A 52 4.61 29.03 -6.73
CA ILE A 52 3.34 29.35 -6.05
C ILE A 52 2.82 28.25 -5.11
N PHE A 53 3.25 27.00 -5.34
CA PHE A 53 2.82 25.89 -4.51
C PHE A 53 3.47 25.98 -3.14
N SER A 54 4.80 26.05 -3.12
CA SER A 54 5.55 26.13 -1.87
C SER A 54 4.99 27.19 -0.93
N ARG A 55 4.48 28.28 -1.49
CA ARG A 55 3.93 29.34 -0.66
C ARG A 55 2.47 29.17 -0.29
N LYS A 56 1.67 28.57 -1.16
CA LYS A 56 0.25 28.38 -0.90
C LYS A 56 -0.06 27.13 -0.05
N HIS A 57 0.80 26.12 -0.14
CA HIS A 57 0.63 24.87 0.60
C HIS A 57 1.97 24.39 1.15
N PRO A 58 2.48 25.09 2.17
CA PRO A 58 3.76 24.73 2.78
C PRO A 58 3.82 23.32 3.37
N LEU A 59 2.70 22.87 3.94
CA LEU A 59 2.60 21.56 4.57
C LEU A 59 2.65 20.44 3.57
N SER A 60 1.81 20.56 2.56
CA SER A 60 1.77 19.56 1.51
C SER A 60 3.16 19.55 0.91
N CYS A 61 3.70 20.74 0.69
CA CYS A 61 5.02 20.87 0.12
C CYS A 61 6.06 20.12 0.98
N TRP A 62 5.88 20.22 2.31
CA TRP A 62 6.77 19.61 3.30
C TRP A 62 6.71 18.07 3.30
N LEU A 63 5.49 17.56 3.44
CA LEU A 63 5.26 16.13 3.47
C LEU A 63 5.98 15.44 2.31
N SER A 64 5.68 15.87 1.09
CA SER A 64 6.27 15.31 -0.14
C SER A 64 7.78 15.26 -0.05
N SER A 65 8.34 16.34 0.51
CA SER A 65 9.76 16.52 0.70
C SER A 65 10.24 15.52 1.73
N MET A 66 9.41 15.32 2.75
CA MET A 66 9.70 14.37 3.81
C MET A 66 9.70 12.97 3.23
N LEU A 67 8.64 12.69 2.46
CA LEU A 67 8.41 11.41 1.77
C LEU A 67 9.59 11.00 0.93
N MET A 68 10.21 11.99 0.30
CA MET A 68 11.33 11.70 -0.56
C MET A 68 12.66 11.58 0.18
N CYS A 69 12.84 12.33 1.26
CA CYS A 69 14.07 12.25 2.02
C CYS A 69 14.22 10.91 2.70
N PHE A 70 13.10 10.36 3.15
CA PHE A 70 13.12 9.07 3.84
C PHE A 70 12.43 7.96 3.08
N ALA A 71 12.18 8.20 1.80
CA ALA A 71 11.51 7.23 0.92
C ALA A 71 11.95 5.78 1.14
N ASP A 72 13.25 5.54 1.12
CA ASP A 72 13.81 4.21 1.31
C ASP A 72 13.36 3.57 2.63
N ALA A 73 13.18 4.39 3.65
CA ALA A 73 12.77 3.91 4.95
C ALA A 73 11.34 3.44 4.87
N PHE A 74 10.46 4.36 4.46
CA PHE A 74 9.05 4.08 4.30
C PHE A 74 8.82 2.79 3.52
N LEU A 75 9.61 2.57 2.48
CA LEU A 75 9.45 1.36 1.70
C LEU A 75 9.92 0.12 2.48
N ALA A 76 11.11 0.21 3.06
CA ALA A 76 11.70 -0.87 3.83
C ALA A 76 10.75 -1.41 4.88
N ASN A 77 10.10 -0.47 5.58
CA ASN A 77 9.15 -0.83 6.62
C ASN A 77 7.96 -1.57 6.03
N PHE A 78 7.27 -0.94 5.09
CA PHE A 78 6.14 -1.60 4.44
C PHE A 78 6.46 -3.06 4.09
N LEU A 79 7.54 -3.25 3.34
CA LEU A 79 7.98 -4.57 2.91
C LEU A 79 8.13 -5.53 4.08
N LEU A 80 8.73 -5.05 5.17
CA LEU A 80 8.93 -5.84 6.39
C LEU A 80 7.76 -5.72 7.36
N GLY A 81 6.56 -5.43 6.89
CA GLY A 81 5.45 -5.32 7.80
C GLY A 81 5.51 -4.21 8.84
N GLU A 82 6.68 -3.63 9.11
CA GLU A 82 6.82 -2.55 10.11
C GLU A 82 6.02 -1.26 9.81
N PRO A 83 5.70 -0.45 10.85
CA PRO A 83 4.95 0.80 10.66
C PRO A 83 5.63 1.74 9.68
N VAL A 84 4.93 2.11 8.63
CA VAL A 84 5.53 3.03 7.67
C VAL A 84 5.66 4.42 8.30
N ILE A 85 4.95 4.62 9.41
CA ILE A 85 4.94 5.90 10.10
C ILE A 85 6.25 6.10 10.88
N ALA A 86 6.89 4.99 11.26
CA ALA A 86 8.13 5.00 12.04
C ALA A 86 9.20 6.05 11.72
N PRO A 87 9.49 6.30 10.44
CA PRO A 87 10.51 7.31 10.16
C PRO A 87 10.21 8.67 10.78
N PHE A 88 8.94 8.98 10.96
CA PHE A 88 8.55 10.25 11.54
C PHE A 88 8.80 10.27 13.03
N LYS A 89 9.33 9.16 13.54
CA LYS A 89 9.63 9.08 14.95
C LYS A 89 11.00 9.72 15.22
N ARG A 90 12.02 9.36 14.45
CA ARG A 90 13.34 9.96 14.66
C ARG A 90 13.26 11.49 14.54
N HIS A 91 12.88 12.17 15.62
CA HIS A 91 12.74 13.63 15.64
C HIS A 91 13.98 14.40 15.17
N ASP A 92 15.15 13.80 15.30
CA ASP A 92 16.37 14.49 14.86
C ASP A 92 16.42 14.61 13.35
N ASP A 93 16.21 13.48 12.68
CA ASP A 93 16.24 13.41 11.24
C ASP A 93 15.19 14.31 10.61
N ILE A 94 14.02 14.35 11.21
CA ILE A 94 12.95 15.19 10.68
C ILE A 94 13.25 16.68 10.80
N ILE A 95 13.84 17.07 11.93
CA ILE A 95 14.18 18.47 12.18
C ILE A 95 15.25 18.92 11.18
N LEU A 96 16.33 18.16 11.10
CA LEU A 96 17.40 18.47 10.17
C LEU A 96 16.81 18.59 8.76
N ALA A 97 16.13 17.53 8.33
CA ALA A 97 15.51 17.51 7.01
C ALA A 97 14.66 18.73 6.78
N THR A 98 13.73 18.98 7.71
CA THR A 98 12.82 20.13 7.58
C THR A 98 13.55 21.45 7.43
N ILE A 99 14.75 21.53 7.99
CA ILE A 99 15.57 22.74 7.91
C ILE A 99 15.93 22.87 6.43
N ILE A 100 16.66 21.88 5.93
CA ILE A 100 17.05 21.83 4.54
C ILE A 100 15.83 22.12 3.68
N TRP A 101 14.70 21.49 4.00
CA TRP A 101 13.46 21.72 3.26
C TRP A 101 13.17 23.19 3.20
N TYR A 102 13.14 23.81 4.38
CA TYR A 102 12.87 25.23 4.52
C TYR A 102 13.77 26.06 3.61
N LEU A 103 15.06 25.72 3.62
CA LEU A 103 16.05 26.42 2.83
C LEU A 103 15.80 26.31 1.33
N VAL A 104 15.86 25.09 0.80
CA VAL A 104 15.66 24.86 -0.63
C VAL A 104 14.44 25.57 -1.17
N PHE A 105 13.40 25.67 -0.37
CA PHE A 105 12.20 26.35 -0.85
C PHE A 105 12.17 27.83 -0.47
N TYR A 106 12.61 28.18 0.74
CA TYR A 106 12.56 29.58 1.20
C TYR A 106 13.84 30.31 1.62
N ALA A 107 15.01 29.88 1.15
CA ALA A 107 16.24 30.56 1.51
C ALA A 107 16.21 32.01 1.05
N PRO A 108 16.86 32.92 1.80
CA PRO A 108 16.86 34.32 1.40
C PRO A 108 17.59 34.43 0.06
N PHE A 109 16.98 35.13 -0.89
CA PHE A 109 17.57 35.27 -2.21
C PHE A 109 17.77 33.87 -2.79
N ASP A 110 16.94 32.94 -2.31
CA ASP A 110 16.99 31.54 -2.74
C ASP A 110 18.44 31.11 -2.91
N GLY A 111 19.27 31.49 -1.94
CA GLY A 111 20.67 31.17 -2.02
C GLY A 111 21.07 29.71 -1.96
N ILE A 112 20.62 29.02 -0.91
CA ILE A 112 20.97 27.62 -0.72
C ILE A 112 20.70 26.78 -1.97
N TYR A 113 19.57 27.04 -2.62
CA TYR A 113 19.20 26.31 -3.82
C TYR A 113 20.30 26.44 -4.88
N LYS A 114 20.55 27.67 -5.29
CA LYS A 114 21.55 28.00 -6.33
C LYS A 114 22.97 27.50 -6.08
N ILE A 115 23.48 27.72 -4.87
CA ILE A 115 24.83 27.30 -4.53
C ILE A 115 24.99 25.81 -4.74
N ALA A 116 23.87 25.10 -4.65
CA ALA A 116 23.84 23.65 -4.83
C ALA A 116 23.81 23.29 -6.31
N LYS A 117 23.39 24.25 -7.13
CA LYS A 117 23.28 24.06 -8.57
C LYS A 117 24.58 23.98 -9.37
N ILE A 118 25.57 24.80 -9.03
CA ILE A 118 26.83 24.80 -9.77
C ILE A 118 27.40 23.40 -10.03
N THR A 119 28.01 23.21 -11.20
CA THR A 119 28.58 21.92 -11.61
C THR A 119 29.42 21.20 -10.56
N PRO A 120 30.28 21.94 -9.84
CA PRO A 120 31.12 21.29 -8.81
C PRO A 120 30.35 20.91 -7.54
N VAL A 121 29.68 21.89 -6.93
CA VAL A 121 28.91 21.65 -5.71
C VAL A 121 27.95 20.49 -5.92
N LYS A 122 27.03 20.65 -6.88
CA LYS A 122 26.05 19.62 -7.19
C LYS A 122 26.73 18.27 -7.42
N CYS A 123 28.01 18.31 -7.74
CA CYS A 123 28.75 17.09 -7.97
C CYS A 123 29.29 16.45 -6.69
N VAL A 124 29.52 17.27 -5.67
CA VAL A 124 30.01 16.77 -4.39
C VAL A 124 28.82 16.27 -3.56
N LEU A 125 27.71 17.01 -3.63
CA LEU A 125 26.47 16.66 -2.94
C LEU A 125 26.09 15.27 -3.44
N ALA A 126 26.33 15.04 -4.73
CA ALA A 126 26.02 13.79 -5.39
C ALA A 126 26.99 12.66 -5.04
N VAL A 127 28.28 12.96 -4.91
CA VAL A 127 29.24 11.91 -4.58
C VAL A 127 29.02 11.50 -3.13
N MET A 128 28.69 12.48 -2.29
CA MET A 128 28.44 12.18 -0.89
C MET A 128 27.21 11.28 -0.79
N LYS A 129 26.18 11.61 -1.57
CA LYS A 129 24.93 10.84 -1.60
C LYS A 129 25.21 9.38 -1.93
N GLU A 130 26.23 9.13 -2.71
CA GLU A 130 26.58 7.77 -3.09
C GLU A 130 27.07 6.92 -1.94
N VAL A 131 27.82 7.53 -1.02
CA VAL A 131 28.31 6.76 0.11
C VAL A 131 27.08 6.38 0.93
N LYS A 132 26.27 7.39 1.25
CA LYS A 132 25.05 7.20 2.03
C LYS A 132 24.20 6.08 1.45
N ARG A 133 24.01 6.08 0.13
CA ARG A 133 23.21 5.04 -0.51
C ARG A 133 23.78 3.66 -0.17
N ALA A 134 25.10 3.56 -0.18
CA ALA A 134 25.76 2.30 0.15
C ALA A 134 25.50 2.04 1.62
N TYR A 135 25.57 3.11 2.39
CA TYR A 135 25.34 3.03 3.82
C TYR A 135 23.97 2.38 3.98
N LYS A 136 23.03 2.79 3.13
CA LYS A 136 21.67 2.28 3.17
C LYS A 136 21.53 0.81 2.76
N VAL A 137 22.16 0.41 1.66
CA VAL A 137 22.07 -0.97 1.22
C VAL A 137 22.62 -1.87 2.33
N SER A 138 23.61 -1.37 3.05
CA SER A 138 24.21 -2.11 4.15
C SER A 138 23.21 -2.37 5.27
N HIS A 139 22.61 -1.29 5.76
CA HIS A 139 21.64 -1.38 6.83
C HIS A 139 20.41 -2.17 6.43
N GLY A 140 20.06 -2.13 5.14
CA GLY A 140 18.91 -2.87 4.68
C GLY A 140 19.14 -4.36 4.81
N VAL A 141 20.25 -4.82 4.24
CA VAL A 141 20.64 -6.24 4.26
C VAL A 141 20.78 -6.81 5.66
N SER A 142 21.31 -5.98 6.55
CA SER A 142 21.53 -6.36 7.94
C SER A 142 20.21 -6.53 8.68
N HIS A 143 19.42 -5.46 8.77
CA HIS A 143 18.15 -5.54 9.46
C HIS A 143 17.35 -6.73 8.96
N ALA A 144 17.36 -6.95 7.64
CA ALA A 144 16.63 -8.07 7.02
C ALA A 144 17.18 -9.42 7.47
N ALA A 145 18.51 -9.58 7.36
CA ALA A 145 19.19 -10.79 7.75
C ALA A 145 18.97 -11.07 9.24
N LYS A 146 18.88 -9.99 10.02
CA LYS A 146 18.67 -10.08 11.46
C LYS A 146 17.34 -10.77 11.77
N LEU A 147 16.32 -10.48 10.97
CA LEU A 147 15.00 -11.06 11.16
C LEU A 147 14.85 -12.41 10.44
N TYR A 148 15.41 -12.53 9.25
CA TYR A 148 15.33 -13.79 8.52
C TYR A 148 16.76 -14.18 8.15
N PRO A 149 17.58 -14.52 9.17
CA PRO A 149 18.98 -14.91 9.00
C PRO A 149 19.29 -15.82 7.82
N ASN A 150 18.31 -16.59 7.37
CA ASN A 150 18.56 -17.50 6.27
C ASN A 150 17.74 -17.30 5.01
N SER A 151 16.94 -16.24 4.98
CA SER A 151 16.12 -15.92 3.82
C SER A 151 16.88 -14.83 3.06
N TYR A 152 17.94 -15.26 2.39
CA TYR A 152 18.84 -14.43 1.63
C TYR A 152 18.20 -13.57 0.56
N ILE A 153 17.19 -14.11 -0.13
CA ILE A 153 16.51 -13.33 -1.17
C ILE A 153 15.95 -12.08 -0.51
N VAL A 154 15.15 -12.29 0.53
CA VAL A 154 14.53 -11.22 1.31
C VAL A 154 15.53 -10.14 1.65
N GLN A 155 16.68 -10.55 2.17
CA GLN A 155 17.72 -9.63 2.53
C GLN A 155 18.14 -8.83 1.29
N VAL A 156 18.37 -9.55 0.20
CA VAL A 156 18.77 -8.93 -1.07
C VAL A 156 17.74 -7.88 -1.47
N LEU A 157 16.48 -8.31 -1.54
CA LEU A 157 15.39 -7.43 -1.91
C LEU A 157 15.36 -6.18 -1.03
N VAL A 158 15.37 -6.38 0.29
CA VAL A 158 15.30 -5.24 1.22
C VAL A 158 16.49 -4.29 1.11
N GLY A 159 17.66 -4.83 0.85
CA GLY A 159 18.81 -3.95 0.70
C GLY A 159 18.62 -3.10 -0.54
N THR A 160 18.29 -3.78 -1.64
CA THR A 160 18.08 -3.12 -2.92
C THR A 160 16.96 -2.08 -2.79
N ALA A 161 15.91 -2.45 -2.06
CA ALA A 161 14.77 -1.58 -1.85
C ALA A 161 15.29 -0.36 -1.15
N LYS A 162 16.11 -0.62 -0.14
CA LYS A 162 16.70 0.40 0.71
C LYS A 162 17.62 1.36 -0.08
N GLY A 163 18.33 0.81 -1.07
CA GLY A 163 19.22 1.61 -1.89
C GLY A 163 18.65 2.19 -3.19
N ALA A 164 17.56 1.62 -3.70
CA ALA A 164 16.97 2.11 -4.94
C ALA A 164 15.47 2.46 -4.90
N GLY A 165 14.78 2.04 -3.84
CA GLY A 165 13.35 2.28 -3.76
C GLY A 165 12.77 3.68 -3.74
N SER A 166 13.59 4.71 -3.84
CA SER A 166 13.05 6.07 -3.83
C SER A 166 12.02 6.24 -4.94
N GLY A 167 12.34 5.68 -6.11
CA GLY A 167 11.46 5.76 -7.28
C GLY A 167 10.02 5.32 -7.07
N ILE A 168 9.83 4.20 -6.37
CA ILE A 168 8.50 3.67 -6.09
C ILE A 168 7.67 4.62 -5.24
N VAL A 169 8.28 5.23 -4.22
CA VAL A 169 7.56 6.15 -3.38
C VAL A 169 7.20 7.38 -4.18
N ARG A 170 8.16 7.84 -4.98
CA ARG A 170 7.98 9.02 -5.85
C ARG A 170 6.74 8.86 -6.71
N THR A 171 6.65 7.67 -7.32
CA THR A 171 5.53 7.28 -8.17
C THR A 171 4.18 7.26 -7.43
N LEU A 172 4.12 6.55 -6.32
CA LEU A 172 2.86 6.50 -5.59
C LEU A 172 2.43 7.88 -5.12
N GLU A 173 3.38 8.75 -4.79
CA GLU A 173 3.01 10.08 -4.35
C GLU A 173 2.32 10.86 -5.46
N GLN A 174 2.89 10.81 -6.66
CA GLN A 174 2.36 11.50 -7.85
C GLN A 174 0.98 10.94 -8.15
N LEU A 175 0.87 9.61 -8.19
CA LEU A 175 -0.43 8.98 -8.44
C LEU A 175 -1.47 9.54 -7.48
N VAL A 176 -1.10 9.57 -6.20
CA VAL A 176 -1.97 10.10 -5.16
C VAL A 176 -2.28 11.57 -5.36
N ARG A 177 -1.36 12.28 -6.01
CA ARG A 177 -1.53 13.71 -6.29
C ARG A 177 -2.09 13.94 -7.68
N GLY A 178 -2.40 12.86 -8.38
CA GLY A 178 -2.97 12.95 -9.72
C GLY A 178 -2.10 13.66 -10.73
N VAL A 179 -0.90 13.15 -10.92
CA VAL A 179 0.06 13.73 -11.86
C VAL A 179 1.00 12.64 -12.33
N TRP A 180 1.42 12.70 -13.58
CA TRP A 180 2.31 11.67 -14.10
C TRP A 180 3.50 12.25 -14.87
N LEU A 181 4.69 11.78 -14.53
CA LEU A 181 5.92 12.21 -15.17
C LEU A 181 6.90 11.03 -15.21
N PRO A 182 6.84 10.22 -16.29
CA PRO A 182 7.69 9.03 -16.46
C PRO A 182 9.17 9.42 -16.56
N THR A 183 9.41 10.73 -16.57
CA THR A 183 10.76 11.27 -16.68
C THR A 183 11.57 11.08 -15.39
N HIS A 184 11.27 9.99 -14.69
CA HIS A 184 11.95 9.64 -13.44
C HIS A 184 13.46 9.67 -13.63
N ASN A 185 13.96 8.75 -14.47
CA ASN A 185 15.39 8.64 -14.74
C ASN A 185 16.00 9.97 -15.21
N GLU A 186 16.47 10.77 -14.26
CA GLU A 186 17.11 12.05 -14.57
C GLU A 186 18.33 11.61 -15.36
N LEU A 187 18.83 10.43 -14.98
CA LEU A 187 19.97 9.78 -15.60
C LEU A 187 19.42 8.37 -15.87
N LEU A 188 19.96 7.66 -16.85
CA LEU A 188 19.47 6.30 -17.10
C LEU A 188 20.38 5.27 -16.43
N ARG A 189 21.26 5.77 -15.56
CA ARG A 189 22.15 4.93 -14.78
C ARG A 189 21.34 4.34 -13.60
N PRO A 190 20.32 5.08 -13.12
CA PRO A 190 19.47 4.62 -12.02
C PRO A 190 18.72 3.30 -12.27
N SER A 191 18.80 2.79 -13.51
CA SER A 191 18.19 1.50 -13.84
C SER A 191 19.35 0.50 -13.66
N PHE A 192 20.56 1.07 -13.62
CA PHE A 192 21.81 0.35 -13.40
C PHE A 192 22.10 0.52 -11.90
N ALA A 193 21.69 1.68 -11.37
CA ALA A 193 21.86 1.99 -9.95
C ALA A 193 21.19 0.90 -9.16
N THR A 194 19.95 0.59 -9.50
CA THR A 194 19.22 -0.46 -8.82
C THR A 194 19.99 -1.77 -8.99
N LYS A 195 20.50 -2.02 -10.20
CA LYS A 195 21.27 -3.23 -10.50
C LYS A 195 22.54 -3.23 -9.66
N ALA A 196 23.09 -2.04 -9.44
CA ALA A 196 24.29 -1.88 -8.63
C ALA A 196 23.90 -2.30 -7.22
N CYS A 197 22.81 -1.72 -6.74
CA CYS A 197 22.28 -2.01 -5.41
C CYS A 197 21.96 -3.48 -5.27
N VAL A 198 21.49 -4.11 -6.35
CA VAL A 198 21.14 -5.53 -6.29
C VAL A 198 22.35 -6.42 -6.14
N VAL A 199 23.39 -6.11 -6.90
CA VAL A 199 24.59 -6.93 -6.80
C VAL A 199 25.23 -6.66 -5.44
N ALA A 200 25.37 -5.38 -5.10
CA ALA A 200 25.95 -5.01 -3.81
C ALA A 200 25.18 -5.70 -2.67
N ALA A 201 23.88 -5.44 -2.57
CA ALA A 201 23.04 -6.01 -1.51
C ALA A 201 23.26 -7.50 -1.36
N SER A 202 23.24 -8.23 -2.47
CA SER A 202 23.42 -9.67 -2.44
C SER A 202 24.86 -10.07 -2.13
N VAL A 203 25.75 -9.09 -2.10
CA VAL A 203 27.16 -9.32 -1.75
C VAL A 203 27.18 -9.36 -0.22
N LEU A 204 26.54 -8.36 0.38
CA LEU A 204 26.42 -8.24 1.83
C LEU A 204 25.63 -9.39 2.41
N ALA A 205 24.58 -9.82 1.70
CA ALA A 205 23.75 -10.93 2.16
C ALA A 205 24.62 -12.19 2.29
N LEU A 206 25.61 -12.28 1.41
CA LEU A 206 26.55 -13.39 1.37
C LEU A 206 27.54 -13.33 2.53
N GLU A 207 28.09 -12.16 2.76
CA GLU A 207 29.02 -11.93 3.85
C GLU A 207 28.38 -12.47 5.13
N LYS A 208 27.26 -11.88 5.51
CA LYS A 208 26.54 -12.27 6.72
C LYS A 208 26.26 -13.76 6.83
N SER A 209 25.93 -14.41 5.72
CA SER A 209 25.66 -15.84 5.77
C SER A 209 26.93 -16.48 6.32
N GLY A 210 28.06 -15.86 5.99
CA GLY A 210 29.36 -16.33 6.45
C GLY A 210 29.95 -17.44 5.60
N THR A 211 29.48 -17.56 4.36
CA THR A 211 29.96 -18.60 3.47
C THR A 211 30.94 -18.12 2.39
N TYR A 212 32.12 -18.73 2.38
CA TYR A 212 33.17 -18.42 1.41
C TYR A 212 33.45 -16.95 1.15
N LEU A 213 34.15 -16.29 2.08
CA LEU A 213 34.50 -14.88 1.94
C LEU A 213 35.68 -14.46 2.81
N THR A 214 36.67 -13.81 2.20
CA THR A 214 37.87 -13.33 2.89
C THR A 214 38.18 -11.85 2.58
N ALA A 215 37.92 -11.00 3.58
CA ALA A 215 38.15 -9.56 3.47
C ALA A 215 37.47 -8.87 4.66
N PRO A 216 38.17 -7.92 5.31
CA PRO A 216 37.56 -7.22 6.46
C PRO A 216 36.33 -6.41 6.06
N HIS A 217 35.38 -6.27 6.97
CA HIS A 217 34.16 -5.52 6.68
C HIS A 217 34.50 -4.10 6.25
N ASP A 218 35.59 -3.56 6.79
CA ASP A 218 35.99 -2.20 6.43
C ASP A 218 36.56 -2.18 5.03
N LEU A 219 36.92 -3.35 4.52
CA LEU A 219 37.49 -3.48 3.17
C LEU A 219 36.44 -3.52 2.07
N VAL A 220 35.38 -4.30 2.31
CA VAL A 220 34.30 -4.44 1.34
C VAL A 220 33.43 -3.20 1.18
N TYR A 221 32.99 -2.61 2.29
CA TYR A 221 32.15 -1.40 2.23
C TYR A 221 32.82 -0.38 1.32
N LEU A 222 34.14 -0.28 1.40
CA LEU A 222 34.91 0.66 0.58
C LEU A 222 35.00 0.22 -0.89
N VAL A 223 35.06 -1.09 -1.12
CA VAL A 223 35.16 -1.59 -2.47
C VAL A 223 33.87 -1.34 -3.24
N ILE A 224 32.73 -1.49 -2.58
CA ILE A 224 31.44 -1.27 -3.22
C ILE A 224 31.19 0.22 -3.43
N VAL A 225 31.67 1.04 -2.51
CA VAL A 225 31.52 2.49 -2.60
C VAL A 225 32.25 2.96 -3.86
N GLY A 226 33.38 2.31 -4.15
CA GLY A 226 34.14 2.66 -5.33
C GLY A 226 33.27 2.50 -6.56
N PHE A 227 32.47 1.44 -6.58
CA PHE A 227 31.57 1.17 -7.69
C PHE A 227 30.35 2.08 -7.75
N PHE A 228 29.74 2.39 -6.60
CA PHE A 228 28.57 3.28 -6.58
C PHE A 228 29.05 4.68 -6.97
N VAL A 229 30.30 4.98 -6.65
CA VAL A 229 30.89 6.27 -7.00
C VAL A 229 31.33 6.22 -8.46
N TYR A 230 31.87 5.09 -8.88
CA TYR A 230 32.34 4.89 -10.24
C TYR A 230 31.17 5.02 -11.25
N PHE A 231 30.05 4.36 -10.96
CA PHE A 231 28.88 4.43 -11.82
C PHE A 231 28.30 5.84 -11.82
N LYS A 232 28.30 6.48 -10.65
CA LYS A 232 27.77 7.83 -10.50
C LYS A 232 28.71 8.83 -11.16
N LEU A 233 30.02 8.55 -11.07
CA LEU A 233 31.02 9.42 -11.67
C LEU A 233 30.99 9.24 -13.18
N SER A 234 30.79 8.01 -13.63
CA SER A 234 30.70 7.72 -15.06
C SER A 234 29.44 8.39 -15.60
N ALA A 235 28.58 8.81 -14.68
CA ALA A 235 27.33 9.47 -15.02
C ALA A 235 27.47 10.99 -14.89
N VAL A 236 28.46 11.43 -14.11
CA VAL A 236 28.71 12.85 -13.91
C VAL A 236 29.65 13.44 -14.96
N ILE A 237 30.68 12.67 -15.34
CA ILE A 237 31.65 13.11 -16.34
C ILE A 237 31.00 13.30 -17.72
N LEU A 238 30.40 12.25 -18.25
CA LEU A 238 29.76 12.29 -19.57
C LEU A 238 28.78 13.45 -19.80
N HIS A 239 27.76 13.59 -18.96
CA HIS A 239 26.79 14.68 -19.10
C HIS A 239 26.06 14.95 -17.79
N ASP B 10 -22.83 -44.99 -4.40
CA ASP B 10 -21.91 -44.07 -5.11
C ASP B 10 -21.23 -43.16 -4.09
N GLN B 11 -21.95 -42.80 -3.03
CA GLN B 11 -21.40 -41.93 -1.99
C GLN B 11 -19.98 -42.29 -1.58
N GLU B 12 -19.79 -43.53 -1.16
CA GLU B 12 -18.47 -44.02 -0.75
C GLU B 12 -17.41 -43.41 -1.62
N ILE B 13 -17.40 -43.82 -2.88
CA ILE B 13 -16.43 -43.36 -3.84
C ILE B 13 -16.23 -41.84 -3.79
N LEU B 14 -17.29 -41.11 -3.48
CA LEU B 14 -17.20 -39.65 -3.38
C LEU B 14 -16.37 -39.23 -2.18
N LEU B 15 -16.71 -39.77 -1.01
CA LEU B 15 -15.98 -39.44 0.20
C LEU B 15 -14.55 -39.91 0.08
N ASP B 16 -14.30 -40.79 -0.89
CA ASP B 16 -12.97 -41.30 -1.14
C ASP B 16 -12.30 -40.27 -2.05
N ALA B 17 -13.11 -39.69 -2.94
CA ALA B 17 -12.63 -38.65 -3.85
C ALA B 17 -12.18 -37.46 -3.00
N GLY B 18 -13.11 -36.98 -2.18
CA GLY B 18 -12.84 -35.86 -1.30
C GLY B 18 -11.69 -36.07 -0.34
N ALA B 19 -11.70 -37.21 0.35
CA ALA B 19 -10.64 -37.52 1.32
C ALA B 19 -9.27 -37.51 0.66
N GLN B 20 -9.22 -37.87 -0.62
CA GLN B 20 -7.95 -37.89 -1.37
C GLN B 20 -7.61 -36.47 -1.80
N LEU B 21 -8.63 -35.79 -2.32
CA LEU B 21 -8.52 -34.40 -2.78
C LEU B 21 -7.85 -33.61 -1.67
N HIS B 22 -8.47 -33.67 -0.49
CA HIS B 22 -7.94 -32.99 0.67
C HIS B 22 -6.46 -33.29 0.86
N ARG B 23 -6.05 -34.53 0.63
CA ARG B 23 -4.66 -34.90 0.82
C ARG B 23 -3.74 -34.48 -0.32
N LEU B 24 -4.34 -34.21 -1.47
CA LEU B 24 -3.61 -33.81 -2.67
C LEU B 24 -2.68 -32.61 -2.51
N LYS B 25 -1.38 -32.85 -2.72
CA LYS B 25 -0.39 -31.78 -2.61
C LYS B 25 -0.38 -30.88 -3.84
N MET B 26 0.04 -29.63 -3.65
CA MET B 26 0.10 -28.66 -4.75
C MET B 26 1.46 -28.65 -5.43
N TYR B 27 2.51 -28.67 -4.61
CA TYR B 27 3.89 -28.70 -5.10
C TYR B 27 4.06 -30.08 -5.73
N PRO B 28 4.58 -30.14 -6.97
CA PRO B 28 5.04 -29.05 -7.85
C PRO B 28 4.21 -28.91 -9.12
N TYR B 29 3.33 -29.86 -9.37
CA TYR B 29 2.53 -29.83 -10.59
C TYR B 29 1.47 -28.74 -10.64
N PHE B 30 0.71 -28.59 -9.57
CA PHE B 30 -0.28 -27.55 -9.55
C PHE B 30 0.40 -26.19 -9.53
N ASP B 31 1.45 -26.09 -8.73
CA ASP B 31 2.21 -24.84 -8.68
C ASP B 31 2.69 -24.51 -10.09
N VAL B 32 3.51 -25.37 -10.69
CA VAL B 32 4.01 -25.11 -12.04
C VAL B 32 2.93 -24.86 -13.08
N ALA B 33 1.73 -25.37 -12.82
CA ALA B 33 0.64 -25.12 -13.77
C ALA B 33 0.32 -23.62 -13.64
N HIS B 34 0.13 -23.21 -12.40
CA HIS B 34 -0.19 -21.84 -12.02
C HIS B 34 0.90 -20.89 -12.52
N TYR B 35 2.10 -21.06 -11.97
CA TYR B 35 3.23 -20.22 -12.33
C TYR B 35 3.31 -20.08 -13.84
N LEU B 36 2.98 -21.18 -14.53
CA LEU B 36 3.03 -21.26 -15.99
C LEU B 36 2.02 -20.33 -16.64
N LEU B 37 0.76 -20.53 -16.29
CA LEU B 37 -0.30 -19.69 -16.83
C LEU B 37 -0.11 -18.21 -16.51
N MET B 38 0.22 -17.90 -15.26
CA MET B 38 0.45 -16.52 -14.83
C MET B 38 1.56 -15.82 -15.61
N ILE B 39 2.77 -16.37 -15.59
CA ILE B 39 3.89 -15.76 -16.31
C ILE B 39 3.69 -15.68 -17.83
N ILE B 40 2.99 -16.66 -18.41
CA ILE B 40 2.74 -16.62 -19.85
C ILE B 40 1.93 -15.36 -20.13
N GLU B 41 1.09 -15.01 -19.16
CA GLU B 41 0.27 -13.81 -19.27
C GLU B 41 1.14 -12.57 -19.09
N VAL B 42 2.03 -12.59 -18.10
CA VAL B 42 2.91 -11.44 -17.86
C VAL B 42 3.63 -11.11 -19.15
N ARG B 43 3.98 -12.16 -19.89
CA ARG B 43 4.67 -12.04 -21.16
C ARG B 43 3.71 -11.48 -22.20
N ASP B 44 2.61 -12.19 -22.41
CA ASP B 44 1.62 -11.78 -23.38
C ASP B 44 1.23 -10.33 -23.24
N ASP B 45 1.20 -9.82 -22.01
CA ASP B 45 0.82 -8.43 -21.78
C ASP B 45 1.89 -7.38 -22.07
N LEU B 46 3.15 -7.81 -22.14
CA LEU B 46 4.23 -6.88 -22.43
C LEU B 46 4.09 -6.38 -23.86
N GLY B 47 2.99 -6.78 -24.51
CA GLY B 47 2.71 -6.37 -25.87
C GLY B 47 3.82 -6.85 -26.77
N SER B 48 4.11 -6.08 -27.81
CA SER B 48 5.19 -6.42 -28.73
C SER B 48 6.56 -6.26 -28.05
N ALA B 49 6.60 -5.39 -27.05
CA ALA B 49 7.83 -5.11 -26.30
C ALA B 49 8.37 -6.27 -25.49
N ALA B 50 7.59 -7.34 -25.36
CA ALA B 50 8.00 -8.48 -24.57
C ALA B 50 9.41 -8.94 -24.90
N SER B 51 9.65 -9.21 -26.18
CA SER B 51 10.94 -9.70 -26.67
C SER B 51 12.12 -8.84 -26.28
N ILE B 52 12.02 -7.55 -26.53
CA ILE B 52 13.11 -6.64 -26.21
C ILE B 52 13.27 -6.46 -24.69
N PHE B 53 12.18 -6.12 -24.03
CA PHE B 53 12.18 -5.90 -22.57
C PHE B 53 12.78 -7.09 -21.83
N SER B 54 12.27 -8.28 -22.14
CA SER B 54 12.74 -9.50 -21.49
C SER B 54 14.25 -9.64 -21.55
N ARG B 55 14.84 -9.23 -22.68
CA ARG B 55 16.27 -9.33 -22.90
C ARG B 55 17.13 -8.26 -22.22
N LYS B 56 16.65 -7.03 -22.21
CA LYS B 56 17.40 -5.91 -21.60
C LYS B 56 17.02 -5.56 -20.16
N HIS B 57 15.87 -6.03 -19.68
CA HIS B 57 15.46 -5.74 -18.32
C HIS B 57 14.90 -6.99 -17.65
N PRO B 58 15.76 -8.03 -17.52
CA PRO B 58 15.41 -9.32 -16.92
C PRO B 58 14.94 -9.26 -15.47
N LEU B 59 15.68 -8.56 -14.61
CA LEU B 59 15.30 -8.46 -13.20
C LEU B 59 13.91 -7.85 -13.10
N SER B 60 13.77 -6.67 -13.68
CA SER B 60 12.50 -5.97 -13.69
C SER B 60 11.42 -6.93 -14.21
N CYS B 61 11.80 -7.80 -15.14
CA CYS B 61 10.88 -8.76 -15.74
C CYS B 61 10.51 -9.90 -14.80
N TRP B 62 11.53 -10.42 -14.12
CA TRP B 62 11.41 -11.53 -13.16
C TRP B 62 10.50 -11.10 -12.02
N LEU B 63 10.80 -9.91 -11.48
CA LEU B 63 10.04 -9.33 -10.38
C LEU B 63 8.56 -9.24 -10.69
N SER B 64 8.22 -8.84 -11.92
CA SER B 64 6.83 -8.73 -12.34
C SER B 64 6.21 -10.12 -12.39
N SER B 65 7.01 -11.12 -12.75
CA SER B 65 6.52 -12.49 -12.81
C SER B 65 6.32 -13.04 -11.41
N MET B 66 7.22 -12.71 -10.49
CA MET B 66 7.05 -13.21 -9.14
C MET B 66 5.83 -12.59 -8.49
N LEU B 67 5.58 -11.32 -8.78
CA LEU B 67 4.42 -10.64 -8.18
C LEU B 67 3.12 -11.30 -8.59
N MET B 68 3.06 -11.77 -9.82
CA MET B 68 1.86 -12.41 -10.29
C MET B 68 1.71 -13.86 -9.86
N CYS B 69 2.84 -14.52 -9.57
CA CYS B 69 2.82 -15.92 -9.14
C CYS B 69 2.41 -16.06 -7.68
N PHE B 70 2.74 -15.05 -6.88
CA PHE B 70 2.43 -15.06 -5.46
C PHE B 70 1.58 -13.84 -5.10
N ALA B 71 0.81 -13.36 -6.06
CA ALA B 71 -0.02 -12.19 -5.84
C ALA B 71 -1.03 -12.36 -4.72
N ASP B 72 -1.66 -13.52 -4.64
CA ASP B 72 -2.66 -13.80 -3.59
C ASP B 72 -2.08 -13.63 -2.19
N ALA B 73 -0.82 -14.07 -2.01
CA ALA B 73 -0.13 -13.96 -0.72
C ALA B 73 0.14 -12.51 -0.39
N PHE B 74 0.82 -11.83 -1.32
CA PHE B 74 1.13 -10.41 -1.16
C PHE B 74 -0.15 -9.70 -0.74
N LEU B 75 -1.26 -9.96 -1.43
CA LEU B 75 -2.52 -9.29 -1.09
C LEU B 75 -3.04 -9.59 0.31
N ALA B 76 -3.10 -10.88 0.66
CA ALA B 76 -3.56 -11.33 1.99
C ALA B 76 -2.69 -10.68 3.06
N ASN B 77 -1.39 -10.91 2.99
CA ASN B 77 -0.48 -10.30 3.94
C ASN B 77 -0.85 -8.83 4.14
N PHE B 78 -0.86 -8.05 3.08
CA PHE B 78 -1.25 -6.63 3.21
C PHE B 78 -2.55 -6.47 4.02
N LEU B 79 -3.56 -7.24 3.64
CA LEU B 79 -4.85 -7.17 4.32
C LEU B 79 -4.72 -7.54 5.79
N LEU B 80 -3.82 -8.48 6.09
CA LEU B 80 -3.64 -8.96 7.44
C LEU B 80 -2.53 -8.35 8.28
N GLY B 81 -1.90 -7.29 7.82
CA GLY B 81 -0.84 -6.71 8.63
C GLY B 81 0.46 -7.49 8.68
N GLU B 82 0.53 -8.58 7.93
CA GLU B 82 1.75 -9.41 7.87
C GLU B 82 2.65 -8.85 6.77
N PRO B 83 3.98 -8.95 6.94
CA PRO B 83 4.99 -8.46 5.98
C PRO B 83 4.90 -8.98 4.54
N VAL B 84 4.58 -8.09 3.62
CA VAL B 84 4.42 -8.41 2.21
C VAL B 84 5.65 -9.10 1.61
N ILE B 85 6.83 -8.79 2.13
CA ILE B 85 8.07 -9.40 1.63
C ILE B 85 8.03 -10.93 1.82
N ALA B 86 7.32 -11.34 2.88
CA ALA B 86 7.13 -12.72 3.31
C ALA B 86 7.22 -13.84 2.27
N PRO B 87 6.47 -13.74 1.17
CA PRO B 87 6.52 -14.80 0.15
C PRO B 87 7.89 -15.16 -0.39
N PHE B 88 8.91 -14.40 -0.03
CA PHE B 88 10.28 -14.66 -0.50
C PHE B 88 11.13 -15.48 0.47
N LYS B 89 10.49 -15.99 1.52
CA LYS B 89 11.19 -16.80 2.49
C LYS B 89 11.15 -18.21 1.93
N ARG B 90 10.01 -18.59 1.34
CA ARG B 90 9.85 -19.93 0.79
C ARG B 90 10.71 -20.20 -0.44
N HIS B 91 12.01 -20.32 -0.26
CA HIS B 91 12.96 -20.58 -1.35
C HIS B 91 12.48 -21.63 -2.34
N ASP B 92 11.80 -22.65 -1.85
CA ASP B 92 11.30 -23.70 -2.73
C ASP B 92 10.46 -23.14 -3.86
N ASP B 93 9.45 -22.36 -3.48
CA ASP B 93 8.54 -21.75 -4.44
C ASP B 93 9.21 -20.74 -5.37
N ILE B 94 10.03 -19.86 -4.80
CA ILE B 94 10.72 -18.86 -5.60
C ILE B 94 11.55 -19.55 -6.67
N ILE B 95 12.29 -20.59 -6.29
CA ILE B 95 13.10 -21.32 -7.27
C ILE B 95 12.22 -21.82 -8.42
N LEU B 96 11.35 -22.78 -8.10
CA LEU B 96 10.48 -23.37 -9.08
C LEU B 96 9.85 -22.34 -10.01
N ALA B 97 9.32 -21.25 -9.43
CA ALA B 97 8.69 -20.23 -10.26
C ALA B 97 9.73 -19.57 -11.18
N THR B 98 10.91 -19.27 -10.64
CA THR B 98 11.96 -18.65 -11.45
C THR B 98 12.32 -19.56 -12.63
N ILE B 99 12.33 -20.87 -12.38
CA ILE B 99 12.61 -21.83 -13.45
C ILE B 99 11.50 -21.68 -14.50
N ILE B 100 10.25 -21.82 -14.05
CA ILE B 100 9.12 -21.68 -14.95
C ILE B 100 9.21 -20.33 -15.65
N TRP B 101 9.67 -19.32 -14.91
CA TRP B 101 9.83 -17.97 -15.45
C TRP B 101 10.89 -17.95 -16.55
N TYR B 102 11.99 -18.66 -16.29
CA TYR B 102 13.10 -18.74 -17.22
C TYR B 102 12.64 -19.33 -18.54
N LEU B 103 11.93 -20.44 -18.43
CA LEU B 103 11.41 -21.12 -19.59
C LEU B 103 10.45 -20.26 -20.42
N VAL B 104 9.43 -19.69 -19.80
CA VAL B 104 8.49 -18.88 -20.58
C VAL B 104 9.15 -17.74 -21.36
N PHE B 105 10.25 -17.21 -20.88
CA PHE B 105 10.89 -16.12 -21.59
C PHE B 105 12.12 -16.50 -22.38
N TYR B 106 12.85 -17.51 -21.91
CA TYR B 106 14.09 -17.91 -22.57
C TYR B 106 14.23 -19.37 -23.01
N ALA B 107 13.21 -20.20 -22.79
CA ALA B 107 13.28 -21.61 -23.20
C ALA B 107 13.73 -21.64 -24.66
N PRO B 108 14.60 -22.61 -25.01
CA PRO B 108 15.12 -22.74 -26.37
C PRO B 108 14.03 -22.98 -27.41
N PHE B 109 14.12 -22.25 -28.52
CA PHE B 109 13.14 -22.36 -29.58
C PHE B 109 11.80 -21.95 -29.01
N ASP B 110 11.85 -21.18 -27.93
CA ASP B 110 10.66 -20.68 -27.23
C ASP B 110 9.67 -21.82 -27.08
N GLY B 111 10.19 -23.02 -26.83
CA GLY B 111 9.35 -24.18 -26.72
C GLY B 111 8.21 -24.14 -25.74
N ILE B 112 8.57 -24.23 -24.46
CA ILE B 112 7.64 -24.25 -23.35
C ILE B 112 6.48 -23.27 -23.52
N TYR B 113 6.79 -22.06 -23.98
CA TYR B 113 5.77 -21.05 -24.23
C TYR B 113 4.75 -21.61 -25.24
N LYS B 114 5.28 -22.03 -26.39
CA LYS B 114 4.52 -22.58 -27.51
C LYS B 114 3.67 -23.81 -27.19
N ILE B 115 4.18 -24.67 -26.31
CA ILE B 115 3.47 -25.88 -25.92
C ILE B 115 2.23 -25.59 -25.07
N ALA B 116 2.37 -24.62 -24.16
CA ALA B 116 1.28 -24.25 -23.26
C ALA B 116 0.12 -23.63 -24.02
N LYS B 117 0.45 -22.90 -25.09
CA LYS B 117 -0.56 -22.24 -25.91
C LYS B 117 -1.45 -23.18 -26.74
N ILE B 118 -1.08 -24.46 -26.84
CA ILE B 118 -1.90 -25.38 -27.62
C ILE B 118 -3.13 -25.81 -26.83
N THR B 119 -4.30 -25.55 -27.42
CA THR B 119 -5.62 -25.84 -26.85
C THR B 119 -5.79 -26.93 -25.79
N PRO B 120 -5.57 -28.21 -26.15
CA PRO B 120 -5.73 -29.26 -25.13
C PRO B 120 -4.98 -28.93 -23.84
N VAL B 121 -3.69 -28.62 -24.00
CA VAL B 121 -2.80 -28.29 -22.89
C VAL B 121 -3.34 -27.18 -21.98
N LYS B 122 -3.60 -26.02 -22.60
CA LYS B 122 -4.11 -24.88 -21.87
C LYS B 122 -5.20 -25.37 -20.93
N CYS B 123 -6.15 -26.09 -21.51
CA CYS B 123 -7.29 -26.61 -20.77
C CYS B 123 -6.92 -27.44 -19.56
N VAL B 124 -5.86 -28.24 -19.66
CA VAL B 124 -5.43 -29.06 -18.53
C VAL B 124 -5.02 -28.07 -17.47
N LEU B 125 -4.10 -27.20 -17.86
CA LEU B 125 -3.59 -26.17 -16.99
C LEU B 125 -4.78 -25.43 -16.40
N ALA B 126 -5.54 -24.77 -17.27
CA ALA B 126 -6.72 -24.02 -16.84
C ALA B 126 -7.47 -24.73 -15.72
N VAL B 127 -7.65 -26.05 -15.84
CA VAL B 127 -8.35 -26.79 -14.79
C VAL B 127 -7.47 -26.91 -13.56
N MET B 128 -6.31 -27.52 -13.73
CA MET B 128 -5.41 -27.68 -12.61
C MET B 128 -5.39 -26.44 -11.72
N LYS B 129 -5.39 -25.27 -12.35
CA LYS B 129 -5.35 -23.97 -11.65
C LYS B 129 -6.56 -23.74 -10.77
N GLU B 130 -7.73 -24.15 -11.24
CA GLU B 130 -8.95 -23.98 -10.46
C GLU B 130 -8.89 -24.82 -9.20
N VAL B 131 -8.06 -25.86 -9.24
CA VAL B 131 -7.90 -26.69 -8.07
C VAL B 131 -7.01 -25.92 -7.09
N LYS B 132 -5.96 -25.30 -7.63
CA LYS B 132 -5.03 -24.51 -6.82
C LYS B 132 -5.70 -23.28 -6.20
N ARG B 133 -6.73 -22.79 -6.87
CA ARG B 133 -7.50 -21.62 -6.42
C ARG B 133 -8.40 -22.00 -5.27
N ALA B 134 -9.11 -23.10 -5.45
CA ALA B 134 -10.03 -23.64 -4.46
C ALA B 134 -9.24 -23.84 -3.18
N TYR B 135 -7.98 -24.22 -3.37
CA TYR B 135 -7.04 -24.47 -2.29
C TYR B 135 -6.67 -23.17 -1.56
N LYS B 136 -6.42 -22.12 -2.34
CA LYS B 136 -6.08 -20.78 -1.82
C LYS B 136 -7.28 -20.18 -1.07
N VAL B 137 -8.47 -20.32 -1.66
CA VAL B 137 -9.67 -19.80 -1.01
C VAL B 137 -9.80 -20.48 0.32
N SER B 138 -9.45 -21.76 0.37
CA SER B 138 -9.57 -22.48 1.62
C SER B 138 -8.55 -22.00 2.63
N HIS B 139 -7.28 -21.98 2.26
CA HIS B 139 -6.26 -21.54 3.18
C HIS B 139 -6.42 -20.09 3.63
N GLY B 140 -7.14 -19.30 2.86
CA GLY B 140 -7.36 -17.92 3.26
C GLY B 140 -8.36 -17.88 4.39
N VAL B 141 -9.52 -18.51 4.16
CA VAL B 141 -10.58 -18.57 5.17
C VAL B 141 -10.06 -19.21 6.45
N SER B 142 -9.22 -20.21 6.30
CA SER B 142 -8.64 -20.90 7.44
C SER B 142 -7.76 -19.93 8.23
N HIS B 143 -6.70 -19.45 7.59
CA HIS B 143 -5.79 -18.52 8.27
C HIS B 143 -6.58 -17.37 8.87
N ALA B 144 -7.61 -16.92 8.15
CA ALA B 144 -8.43 -15.84 8.65
C ALA B 144 -9.09 -16.25 9.97
N ALA B 145 -9.75 -17.42 9.98
CA ALA B 145 -10.43 -17.89 11.17
C ALA B 145 -9.47 -18.27 12.31
N LYS B 146 -8.21 -18.48 11.97
CA LYS B 146 -7.22 -18.81 12.99
C LYS B 146 -7.08 -17.54 13.85
N LEU B 147 -6.64 -16.45 13.22
CA LEU B 147 -6.45 -15.18 13.90
C LEU B 147 -7.73 -14.47 14.31
N TYR B 148 -8.84 -14.76 13.64
CA TYR B 148 -10.09 -14.07 13.97
C TYR B 148 -11.29 -15.00 13.86
N PRO B 149 -11.25 -16.11 14.60
CA PRO B 149 -12.29 -17.13 14.64
C PRO B 149 -13.74 -16.68 14.71
N ASN B 150 -13.98 -15.50 15.25
CA ASN B 150 -15.35 -15.03 15.34
C ASN B 150 -15.80 -14.09 14.22
N SER B 151 -14.87 -13.27 13.74
CA SER B 151 -15.14 -12.32 12.67
C SER B 151 -15.18 -13.05 11.34
N TYR B 152 -16.39 -13.38 10.92
CA TYR B 152 -16.60 -14.15 9.71
C TYR B 152 -16.37 -13.35 8.45
N ILE B 153 -16.73 -12.07 8.50
CA ILE B 153 -16.54 -11.21 7.33
C ILE B 153 -15.05 -11.22 6.96
N VAL B 154 -14.17 -10.95 7.94
CA VAL B 154 -12.74 -10.96 7.71
C VAL B 154 -12.32 -12.28 7.05
N GLN B 155 -12.87 -13.39 7.52
CA GLN B 155 -12.55 -14.71 6.95
C GLN B 155 -12.99 -14.78 5.49
N VAL B 156 -14.22 -14.32 5.23
CA VAL B 156 -14.71 -14.36 3.87
C VAL B 156 -13.88 -13.45 2.92
N LEU B 157 -13.46 -12.27 3.40
CA LEU B 157 -12.67 -11.36 2.57
C LEU B 157 -11.30 -11.91 2.24
N VAL B 158 -10.55 -12.32 3.26
CA VAL B 158 -9.22 -12.87 3.05
C VAL B 158 -9.28 -14.13 2.18
N GLY B 159 -10.40 -14.84 2.25
CA GLY B 159 -10.59 -16.04 1.45
C GLY B 159 -10.75 -15.62 0.01
N THR B 160 -11.72 -14.74 -0.23
CA THR B 160 -11.98 -14.20 -1.56
C THR B 160 -10.72 -13.49 -2.02
N ALA B 161 -9.93 -13.04 -1.08
CA ALA B 161 -8.72 -12.34 -1.40
C ALA B 161 -7.74 -13.25 -2.09
N LYS B 162 -7.55 -14.44 -1.53
CA LYS B 162 -6.59 -15.37 -2.12
C LYS B 162 -7.14 -16.07 -3.34
N GLY B 163 -8.47 -16.21 -3.38
CA GLY B 163 -9.09 -16.85 -4.51
C GLY B 163 -9.14 -16.01 -5.76
N ALA B 164 -9.30 -14.69 -5.61
CA ALA B 164 -9.40 -13.79 -6.77
C ALA B 164 -8.68 -12.45 -6.77
N GLY B 165 -7.88 -12.15 -5.75
CA GLY B 165 -7.21 -10.85 -5.75
C GLY B 165 -5.98 -10.66 -6.61
N SER B 166 -5.74 -11.54 -7.58
CA SER B 166 -4.57 -11.42 -8.45
C SER B 166 -4.71 -10.20 -9.34
N GLY B 167 -5.96 -9.86 -9.65
CA GLY B 167 -6.23 -8.69 -10.49
C GLY B 167 -5.69 -7.41 -9.90
N ILE B 168 -5.93 -7.22 -8.59
CA ILE B 168 -5.49 -6.02 -7.88
C ILE B 168 -3.98 -5.84 -7.91
N VAL B 169 -3.27 -6.91 -7.64
CA VAL B 169 -1.83 -6.84 -7.66
C VAL B 169 -1.38 -6.50 -9.08
N ARG B 170 -2.05 -7.09 -10.07
CA ARG B 170 -1.74 -6.81 -11.48
C ARG B 170 -1.89 -5.31 -11.78
N THR B 171 -3.02 -4.74 -11.39
CA THR B 171 -3.30 -3.31 -11.57
C THR B 171 -2.25 -2.46 -10.89
N LEU B 172 -1.93 -2.80 -9.65
CA LEU B 172 -0.93 -2.02 -8.94
C LEU B 172 0.42 -2.05 -9.66
N GLU B 173 0.86 -3.23 -10.09
CA GLU B 173 2.16 -3.35 -10.78
C GLU B 173 2.22 -2.48 -12.03
N GLN B 174 1.10 -2.44 -12.77
CA GLN B 174 1.04 -1.63 -13.98
C GLN B 174 1.16 -0.14 -13.62
N LEU B 175 0.29 0.34 -12.73
CA LEU B 175 0.30 1.75 -12.30
C LEU B 175 1.69 2.20 -11.87
N VAL B 176 2.50 1.28 -11.37
CA VAL B 176 3.86 1.62 -10.98
C VAL B 176 4.77 1.61 -12.20
N ARG B 177 4.51 0.72 -13.16
CA ARG B 177 5.31 0.65 -14.37
C ARG B 177 4.81 1.75 -15.31
N GLY B 178 3.81 2.49 -14.86
CA GLY B 178 3.29 3.54 -15.70
C GLY B 178 2.73 3.02 -17.00
N VAL B 179 1.75 2.13 -16.91
CA VAL B 179 1.10 1.56 -18.08
C VAL B 179 -0.29 1.09 -17.66
N TRP B 180 -1.31 1.47 -18.41
CA TRP B 180 -2.66 1.06 -18.09
C TRP B 180 -3.03 0.06 -19.16
N LEU B 181 -3.60 -1.07 -18.75
CA LEU B 181 -3.92 -2.13 -19.69
C LEU B 181 -5.16 -2.97 -19.33
N PRO B 182 -6.36 -2.41 -19.57
CA PRO B 182 -7.62 -3.11 -19.29
C PRO B 182 -7.92 -4.32 -20.17
N THR B 183 -6.88 -4.99 -20.66
CA THR B 183 -7.13 -6.21 -21.44
C THR B 183 -7.36 -7.17 -20.28
N HIS B 184 -7.61 -6.54 -19.13
CA HIS B 184 -7.89 -7.17 -17.84
C HIS B 184 -8.97 -8.22 -18.03
N ASN B 185 -9.37 -8.38 -19.28
CA ASN B 185 -10.37 -9.35 -19.68
C ASN B 185 -9.68 -10.58 -20.33
N GLU B 186 -9.05 -11.43 -19.51
CA GLU B 186 -8.39 -12.66 -20.01
C GLU B 186 -9.49 -13.30 -20.84
N LEU B 187 -10.49 -13.74 -20.10
CA LEU B 187 -11.71 -14.31 -20.64
C LEU B 187 -12.61 -13.27 -19.99
N LEU B 188 -13.73 -12.92 -20.62
CA LEU B 188 -14.61 -11.92 -20.00
C LEU B 188 -15.33 -12.66 -18.86
N ARG B 189 -15.06 -13.95 -18.74
CA ARG B 189 -15.67 -14.80 -17.74
C ARG B 189 -15.07 -14.92 -16.31
N PRO B 190 -13.73 -14.86 -16.14
CA PRO B 190 -13.19 -14.97 -14.79
C PRO B 190 -13.85 -14.05 -13.76
N SER B 191 -14.86 -13.30 -14.19
CA SER B 191 -15.59 -12.43 -13.28
C SER B 191 -16.34 -13.40 -12.38
N PHE B 192 -16.50 -14.62 -12.88
CA PHE B 192 -17.17 -15.67 -12.13
C PHE B 192 -16.24 -16.04 -10.97
N ALA B 193 -14.95 -15.85 -11.17
CA ALA B 193 -13.96 -16.17 -10.16
C ALA B 193 -14.24 -15.46 -8.85
N THR B 194 -14.46 -14.15 -8.90
CA THR B 194 -14.71 -13.40 -7.67
C THR B 194 -15.97 -13.78 -6.91
N LYS B 195 -17.09 -13.94 -7.62
CA LYS B 195 -18.32 -14.32 -6.93
C LYS B 195 -18.16 -15.73 -6.40
N ALA B 196 -17.62 -16.62 -7.23
CA ALA B 196 -17.38 -18.00 -6.85
C ALA B 196 -16.56 -18.01 -5.56
N CYS B 197 -15.46 -17.28 -5.55
CA CYS B 197 -14.63 -17.21 -4.37
C CYS B 197 -15.36 -16.66 -3.16
N VAL B 198 -16.33 -15.79 -3.37
CA VAL B 198 -17.02 -15.25 -2.21
C VAL B 198 -17.87 -16.38 -1.61
N VAL B 199 -18.81 -16.93 -2.39
CA VAL B 199 -19.61 -18.03 -1.85
C VAL B 199 -18.71 -19.16 -1.32
N ALA B 200 -17.77 -19.63 -2.15
CA ALA B 200 -16.86 -20.67 -1.74
C ALA B 200 -16.26 -20.36 -0.36
N ALA B 201 -15.95 -19.09 -0.11
CA ALA B 201 -15.36 -18.70 1.15
C ALA B 201 -16.41 -18.60 2.23
N SER B 202 -17.58 -18.09 1.87
CA SER B 202 -18.65 -17.96 2.86
C SER B 202 -18.85 -19.29 3.56
N VAL B 203 -19.10 -20.31 2.73
CA VAL B 203 -19.31 -21.69 3.14
C VAL B 203 -18.20 -22.18 4.09
N LEU B 204 -16.96 -22.24 3.60
CA LEU B 204 -15.86 -22.67 4.43
C LEU B 204 -15.82 -21.88 5.72
N ALA B 205 -16.13 -20.58 5.62
CA ALA B 205 -16.13 -19.69 6.78
C ALA B 205 -17.23 -20.11 7.72
N LEU B 206 -18.40 -20.37 7.15
CA LEU B 206 -19.63 -20.79 7.84
C LEU B 206 -19.45 -22.17 8.46
N GLU B 207 -18.83 -23.04 7.68
CA GLU B 207 -18.56 -24.40 8.10
C GLU B 207 -17.59 -24.41 9.28
N LYS B 208 -16.48 -23.66 9.19
CA LYS B 208 -15.53 -23.66 10.30
C LYS B 208 -16.15 -23.18 11.61
N SER B 209 -17.01 -22.15 11.53
CA SER B 209 -17.66 -21.66 12.75
C SER B 209 -18.41 -22.86 13.32
N GLY B 210 -18.90 -23.69 12.41
CA GLY B 210 -19.64 -24.89 12.77
C GLY B 210 -21.10 -24.61 13.06
N THR B 211 -21.36 -23.41 13.57
CA THR B 211 -22.71 -22.97 13.98
C THR B 211 -23.91 -23.23 13.07
N TYR B 212 -23.71 -23.56 11.79
CA TYR B 212 -24.90 -23.76 10.95
C TYR B 212 -24.88 -24.68 9.73
N LEU B 213 -23.85 -25.52 9.56
CA LEU B 213 -23.86 -26.41 8.40
C LEU B 213 -23.30 -27.79 8.72
N THR B 214 -23.88 -28.80 8.10
CA THR B 214 -23.46 -30.19 8.31
C THR B 214 -23.20 -30.99 7.03
N ALA B 215 -21.99 -31.53 6.96
CA ALA B 215 -21.47 -32.34 5.86
C ALA B 215 -19.96 -32.30 6.08
N PRO B 216 -19.24 -33.32 5.60
CA PRO B 216 -17.78 -33.36 5.75
C PRO B 216 -16.99 -32.39 4.88
N HIS B 217 -16.02 -31.73 5.48
CA HIS B 217 -15.18 -30.79 4.76
C HIS B 217 -14.73 -31.40 3.43
N ASP B 218 -14.18 -32.60 3.49
CA ASP B 218 -13.70 -33.27 2.29
C ASP B 218 -14.72 -33.31 1.17
N LEU B 219 -15.99 -33.41 1.54
CA LEU B 219 -17.07 -33.49 0.56
C LEU B 219 -17.52 -32.14 0.02
N VAL B 220 -17.55 -31.14 0.89
CA VAL B 220 -17.95 -29.78 0.49
C VAL B 220 -16.82 -29.16 -0.35
N TYR B 221 -15.59 -29.23 0.14
CA TYR B 221 -14.45 -28.69 -0.59
C TYR B 221 -14.43 -29.34 -1.98
N LEU B 222 -14.96 -30.55 -2.06
CA LEU B 222 -15.01 -31.27 -3.34
C LEU B 222 -15.93 -30.53 -4.29
N VAL B 223 -17.15 -30.29 -3.84
CA VAL B 223 -18.12 -29.61 -4.70
C VAL B 223 -17.65 -28.21 -5.14
N ILE B 224 -16.93 -27.49 -4.28
CA ILE B 224 -16.47 -26.17 -4.69
C ILE B 224 -15.35 -26.33 -5.73
N VAL B 225 -14.43 -27.27 -5.53
CA VAL B 225 -13.39 -27.49 -6.54
C VAL B 225 -14.08 -28.01 -7.82
N GLY B 226 -15.21 -28.67 -7.64
CA GLY B 226 -15.95 -29.20 -8.77
C GLY B 226 -16.46 -28.04 -9.59
N PHE B 227 -17.10 -27.09 -8.91
CA PHE B 227 -17.65 -25.90 -9.55
C PHE B 227 -16.58 -25.05 -10.25
N PHE B 228 -15.52 -24.71 -9.53
CA PHE B 228 -14.44 -23.92 -10.12
C PHE B 228 -14.07 -24.53 -11.46
N VAL B 229 -13.91 -25.85 -11.45
CA VAL B 229 -13.54 -26.57 -12.66
C VAL B 229 -14.69 -26.58 -13.65
N TYR B 230 -15.91 -26.58 -13.15
CA TYR B 230 -17.05 -26.58 -14.04
C TYR B 230 -16.99 -25.34 -14.90
N PHE B 231 -16.89 -24.20 -14.25
CA PHE B 231 -16.86 -22.92 -14.93
C PHE B 231 -15.61 -22.64 -15.76
N LYS B 232 -14.42 -22.76 -15.18
CA LYS B 232 -13.22 -22.47 -15.96
C LYS B 232 -13.19 -23.30 -17.23
N LEU B 233 -14.04 -24.33 -17.29
CA LEU B 233 -14.16 -25.18 -18.46
C LEU B 233 -15.23 -24.52 -19.31
N SER B 234 -16.36 -24.21 -18.69
CA SER B 234 -17.48 -23.56 -19.36
C SER B 234 -17.03 -22.22 -19.95
N ALA B 235 -15.89 -21.71 -19.49
CA ALA B 235 -15.35 -20.46 -20.01
C ALA B 235 -14.49 -20.81 -21.22
N VAL B 236 -13.81 -21.95 -21.14
CA VAL B 236 -12.97 -22.42 -22.23
C VAL B 236 -13.83 -22.96 -23.37
N ILE B 237 -14.89 -23.67 -23.03
CA ILE B 237 -15.80 -24.27 -24.00
C ILE B 237 -16.87 -23.33 -24.57
N LEU B 238 -17.25 -22.31 -23.82
CA LEU B 238 -18.25 -21.36 -24.31
C LEU B 238 -17.57 -20.27 -25.14
N HIS B 239 -16.26 -20.12 -24.97
CA HIS B 239 -15.48 -19.15 -25.74
C HIS B 239 -15.33 -19.70 -27.15
N VAL B 240 -14.89 -20.95 -27.22
CA VAL B 240 -14.63 -21.65 -28.48
C VAL B 240 -15.76 -21.79 -29.52
N THR B 241 -17.03 -21.78 -29.09
CA THR B 241 -18.13 -21.91 -30.04
C THR B 241 -18.32 -20.66 -30.90
N ASP B 242 -18.04 -19.49 -30.34
CA ASP B 242 -18.16 -18.22 -31.07
C ASP B 242 -17.15 -18.11 -32.20
N GLN C 8 -19.61 33.71 36.88
CA GLN C 8 -20.34 33.20 38.07
C GLN C 8 -21.68 32.63 37.66
N LEU C 9 -22.50 33.46 37.01
CA LEU C 9 -23.82 33.06 36.55
C LEU C 9 -23.78 32.16 35.31
N ASP C 10 -22.96 32.53 34.32
CA ASP C 10 -22.85 31.75 33.09
C ASP C 10 -21.53 30.99 32.90
N GLN C 11 -20.65 31.03 33.90
CA GLN C 11 -19.39 30.30 33.79
C GLN C 11 -19.70 28.81 33.88
N GLU C 12 -20.87 28.51 34.45
CA GLU C 12 -21.34 27.13 34.64
C GLU C 12 -22.00 26.49 33.42
N ILE C 13 -22.62 27.29 32.56
CA ILE C 13 -23.30 26.76 31.36
C ILE C 13 -22.37 26.12 30.33
N LEU C 14 -21.17 26.68 30.15
CA LEU C 14 -20.22 26.14 29.20
C LEU C 14 -19.41 24.95 29.75
N LEU C 15 -19.18 24.94 31.06
CA LEU C 15 -18.43 23.85 31.68
C LEU C 15 -19.27 22.57 31.71
N ASP C 16 -20.59 22.73 31.73
CA ASP C 16 -21.52 21.60 31.74
C ASP C 16 -21.67 20.92 30.38
N ALA C 17 -21.40 21.67 29.31
CA ALA C 17 -21.52 21.15 27.95
C ALA C 17 -20.36 20.21 27.60
N GLY C 18 -19.19 20.46 28.19
CA GLY C 18 -18.03 19.62 27.94
C GLY C 18 -18.22 18.24 28.53
N ALA C 19 -18.88 18.17 29.68
CA ALA C 19 -19.14 16.91 30.35
C ALA C 19 -20.12 16.04 29.56
N GLN C 20 -21.15 16.68 28.98
CA GLN C 20 -22.15 15.95 28.21
C GLN C 20 -21.64 15.52 26.83
N LEU C 21 -20.83 16.36 26.19
CA LEU C 21 -20.27 16.01 24.88
C LEU C 21 -19.41 14.77 25.07
N HIS C 22 -18.78 14.70 26.25
CA HIS C 22 -17.92 13.61 26.68
C HIS C 22 -18.78 12.35 26.85
N ARG C 23 -19.99 12.54 27.36
CA ARG C 23 -20.96 11.46 27.59
C ARG C 23 -21.61 10.96 26.31
N LEU C 24 -21.57 11.78 25.27
CA LEU C 24 -22.19 11.46 23.98
C LEU C 24 -21.58 10.28 23.23
N LYS C 25 -22.44 9.35 22.82
CA LYS C 25 -22.01 8.18 22.05
C LYS C 25 -22.02 8.59 20.59
N MET C 26 -21.24 7.90 19.76
CA MET C 26 -21.20 8.19 18.34
C MET C 26 -22.23 7.29 17.64
N TYR C 27 -22.36 6.08 18.17
CA TYR C 27 -23.31 5.10 17.63
C TYR C 27 -24.73 5.41 18.13
N PRO C 28 -25.72 5.41 17.22
CA PRO C 28 -25.63 5.13 15.79
C PRO C 28 -26.12 6.31 14.99
N TYR C 29 -26.59 7.34 15.69
CA TYR C 29 -27.13 8.52 15.03
C TYR C 29 -26.11 9.38 14.29
N PHE C 30 -24.87 9.36 14.75
CA PHE C 30 -23.81 10.11 14.07
C PHE C 30 -23.26 9.27 12.93
N ASP C 31 -23.10 7.98 13.18
CA ASP C 31 -22.61 7.07 12.17
C ASP C 31 -23.60 7.06 11.01
N VAL C 32 -24.88 6.85 11.27
CA VAL C 32 -25.88 6.83 10.18
C VAL C 32 -25.93 8.15 9.45
N ALA C 33 -25.17 9.14 9.93
CA ALA C 33 -25.12 10.44 9.28
C ALA C 33 -23.92 10.36 8.34
N HIS C 34 -22.78 10.05 8.95
CA HIS C 34 -21.48 9.91 8.30
C HIS C 34 -21.50 8.83 7.23
N TYR C 35 -21.97 7.63 7.61
CA TYR C 35 -22.04 6.54 6.67
C TYR C 35 -22.98 7.06 5.61
N LEU C 36 -24.07 7.63 6.07
CA LEU C 36 -25.07 8.17 5.16
C LEU C 36 -24.46 9.07 4.09
N LEU C 37 -23.78 10.15 4.52
CA LEU C 37 -23.18 11.08 3.57
C LEU C 37 -22.15 10.41 2.65
N MET C 38 -21.15 9.79 3.26
CA MET C 38 -20.09 9.08 2.53
C MET C 38 -20.65 8.21 1.42
N ILE C 39 -21.57 7.31 1.78
CA ILE C 39 -22.16 6.41 0.82
C ILE C 39 -22.94 7.12 -0.28
N ILE C 40 -23.43 8.33 0.01
CA ILE C 40 -24.17 9.04 -1.02
C ILE C 40 -23.17 9.52 -2.05
N GLU C 41 -22.00 9.95 -1.60
CA GLU C 41 -20.99 10.42 -2.52
C GLU C 41 -20.54 9.28 -3.41
N VAL C 42 -20.36 8.10 -2.82
CA VAL C 42 -19.96 6.94 -3.61
C VAL C 42 -20.94 6.78 -4.77
N ARG C 43 -22.23 6.89 -4.46
CA ARG C 43 -23.29 6.78 -5.45
C ARG C 43 -23.14 7.80 -6.56
N ASP C 44 -23.17 9.08 -6.18
CA ASP C 44 -23.04 10.15 -7.17
C ASP C 44 -21.88 9.94 -8.13
N ASP C 45 -20.69 9.75 -7.58
CA ASP C 45 -19.50 9.57 -8.38
C ASP C 45 -19.56 8.47 -9.43
N LEU C 46 -20.50 7.53 -9.28
CA LEU C 46 -20.60 6.47 -10.27
C LEU C 46 -21.17 7.11 -11.52
N GLY C 47 -21.53 8.39 -11.39
CA GLY C 47 -22.07 9.13 -12.52
C GLY C 47 -23.38 8.57 -13.00
N SER C 48 -23.66 8.76 -14.28
CA SER C 48 -24.90 8.27 -14.86
C SER C 48 -25.05 6.76 -14.65
N ALA C 49 -23.95 6.04 -14.91
CA ALA C 49 -23.94 4.59 -14.77
C ALA C 49 -24.21 4.06 -13.37
N ALA C 50 -24.19 4.95 -12.37
CA ALA C 50 -24.40 4.58 -10.97
C ALA C 50 -25.55 3.63 -10.80
N SER C 51 -26.62 3.90 -11.55
CA SER C 51 -27.83 3.10 -11.50
C SER C 51 -27.58 1.65 -11.92
N ILE C 52 -27.25 1.46 -13.19
CA ILE C 52 -26.99 0.13 -13.70
C ILE C 52 -25.99 -0.62 -12.84
N PHE C 53 -24.84 0.00 -12.57
CA PHE C 53 -23.74 -0.57 -11.78
C PHE C 53 -24.10 -1.12 -10.40
N SER C 54 -24.98 -0.43 -9.70
CA SER C 54 -25.39 -0.86 -8.37
C SER C 54 -26.26 -2.10 -8.38
N ARG C 55 -27.13 -2.19 -9.38
CA ARG C 55 -28.03 -3.34 -9.52
C ARG C 55 -27.24 -4.57 -10.00
N LYS C 56 -26.48 -4.36 -11.06
CA LYS C 56 -25.65 -5.37 -11.70
C LYS C 56 -24.40 -5.83 -10.92
N HIS C 57 -23.83 -4.96 -10.09
CA HIS C 57 -22.64 -5.32 -9.31
C HIS C 57 -22.77 -4.93 -7.86
N PRO C 58 -23.81 -5.42 -7.20
CA PRO C 58 -24.04 -5.09 -5.78
C PRO C 58 -22.82 -5.24 -4.85
N LEU C 59 -22.05 -6.31 -5.02
CA LEU C 59 -20.89 -6.53 -4.14
C LEU C 59 -19.81 -5.49 -4.29
N SER C 60 -19.36 -5.27 -5.53
CA SER C 60 -18.31 -4.31 -5.77
C SER C 60 -18.75 -3.00 -5.13
N CYS C 61 -19.96 -2.60 -5.49
CA CYS C 61 -20.56 -1.38 -4.99
C CYS C 61 -20.55 -1.27 -3.46
N TRP C 62 -20.80 -2.37 -2.80
CA TRP C 62 -20.83 -2.45 -1.34
C TRP C 62 -19.43 -2.22 -0.75
N LEU C 63 -18.46 -2.98 -1.24
CA LEU C 63 -17.09 -2.88 -0.79
C LEU C 63 -16.54 -1.46 -1.06
N SER C 64 -16.96 -0.86 -2.16
CA SER C 64 -16.52 0.50 -2.47
C SER C 64 -17.02 1.42 -1.36
N SER C 65 -18.25 1.16 -0.89
CA SER C 65 -18.88 1.93 0.19
C SER C 65 -18.17 1.75 1.52
N MET C 66 -18.04 0.51 1.97
CA MET C 66 -17.38 0.22 3.23
C MET C 66 -16.00 0.85 3.29
N LEU C 67 -15.31 0.86 2.15
CA LEU C 67 -13.98 1.42 2.09
C LEU C 67 -14.05 2.88 2.42
N MET C 68 -15.11 3.53 1.96
CA MET C 68 -15.27 4.96 2.22
C MET C 68 -15.85 5.30 3.56
N CYS C 69 -16.58 4.36 4.17
CA CYS C 69 -17.17 4.60 5.49
C CYS C 69 -16.13 4.53 6.58
N PHE C 70 -15.24 3.54 6.45
CA PHE C 70 -14.20 3.33 7.43
C PHE C 70 -12.80 3.70 6.92
N ALA C 71 -12.77 4.55 5.89
CA ALA C 71 -11.53 4.99 5.25
C ALA C 71 -10.40 5.39 6.22
N ASP C 72 -10.71 6.32 7.11
CA ASP C 72 -9.79 6.81 8.13
C ASP C 72 -9.15 5.68 8.95
N ALA C 73 -9.94 4.65 9.24
CA ALA C 73 -9.45 3.50 9.99
C ALA C 73 -8.39 2.76 9.19
N PHE C 74 -8.73 2.44 7.93
CA PHE C 74 -7.84 1.75 6.99
C PHE C 74 -6.54 2.50 6.82
N LEU C 75 -6.67 3.79 6.53
CA LEU C 75 -5.49 4.63 6.36
C LEU C 75 -4.66 4.62 7.66
N ALA C 76 -5.37 4.81 8.77
CA ALA C 76 -4.77 4.82 10.10
C ALA C 76 -4.01 3.53 10.39
N ASN C 77 -4.72 2.41 10.23
CA ASN C 77 -4.13 1.09 10.46
C ASN C 77 -2.91 0.94 9.58
N PHE C 78 -3.10 1.14 8.28
CA PHE C 78 -1.99 1.03 7.36
C PHE C 78 -0.76 1.79 7.87
N LEU C 79 -0.94 3.08 8.13
CA LEU C 79 0.14 3.92 8.61
C LEU C 79 0.87 3.30 9.78
N LEU C 80 0.09 3.02 10.83
CA LEU C 80 0.59 2.44 12.09
C LEU C 80 1.24 1.07 12.06
N GLY C 81 1.03 0.31 10.99
CA GLY C 81 1.63 -1.02 10.90
C GLY C 81 0.64 -2.11 11.26
N GLU C 82 -0.60 -1.72 11.55
CA GLU C 82 -1.64 -2.67 11.92
C GLU C 82 -2.38 -3.25 10.73
N PRO C 83 -3.03 -4.42 10.91
CA PRO C 83 -3.80 -5.11 9.87
C PRO C 83 -4.95 -4.27 9.31
N VAL C 84 -4.78 -3.83 8.07
CA VAL C 84 -5.77 -2.98 7.43
C VAL C 84 -7.17 -3.58 7.32
N ILE C 85 -7.27 -4.91 7.36
CA ILE C 85 -8.59 -5.55 7.25
C ILE C 85 -9.39 -5.42 8.56
N ALA C 86 -8.65 -5.09 9.63
CA ALA C 86 -9.17 -4.92 10.99
C ALA C 86 -10.56 -4.34 11.20
N PRO C 87 -10.83 -3.14 10.63
CA PRO C 87 -12.15 -2.54 10.81
C PRO C 87 -13.32 -3.38 10.35
N PHE C 88 -13.05 -4.55 9.82
CA PHE C 88 -14.13 -5.42 9.36
C PHE C 88 -14.53 -6.40 10.45
N LYS C 89 -13.82 -6.33 11.57
CA LYS C 89 -14.10 -7.19 12.71
C LYS C 89 -15.32 -6.64 13.47
N ARG C 90 -15.49 -5.32 13.45
CA ARG C 90 -16.62 -4.67 14.14
C ARG C 90 -17.96 -4.94 13.44
N HIS C 91 -18.54 -6.13 13.62
CA HIS C 91 -19.79 -6.47 12.97
C HIS C 91 -20.91 -5.44 13.06
N ASP C 92 -21.10 -4.85 14.24
CA ASP C 92 -22.15 -3.86 14.45
C ASP C 92 -22.06 -2.66 13.52
N ASP C 93 -20.82 -2.30 13.17
CA ASP C 93 -20.56 -1.19 12.27
C ASP C 93 -20.81 -1.57 10.83
N ILE C 94 -20.15 -2.65 10.39
CA ILE C 94 -20.32 -3.10 9.02
C ILE C 94 -21.81 -3.36 8.84
N ILE C 95 -22.46 -3.81 9.90
CA ILE C 95 -23.89 -4.10 9.87
C ILE C 95 -24.68 -2.81 9.62
N LEU C 96 -24.44 -1.82 10.47
CA LEU C 96 -25.11 -0.54 10.34
C LEU C 96 -24.78 0.09 9.00
N ALA C 97 -23.48 0.19 8.72
CA ALA C 97 -23.00 0.79 7.48
C ALA C 97 -23.62 0.11 6.27
N THR C 98 -23.79 -1.21 6.32
CA THR C 98 -24.36 -1.91 5.17
C THR C 98 -25.83 -1.55 4.97
N ILE C 99 -26.50 -1.22 6.08
CA ILE C 99 -27.91 -0.85 6.02
C ILE C 99 -28.04 0.49 5.33
N ILE C 100 -27.23 1.46 5.77
CA ILE C 100 -27.24 2.78 5.17
C ILE C 100 -26.94 2.59 3.69
N TRP C 101 -26.03 1.66 3.39
CA TRP C 101 -25.64 1.38 2.00
C TRP C 101 -26.83 0.83 1.22
N TYR C 102 -27.49 -0.15 1.81
CA TYR C 102 -28.67 -0.75 1.17
C TYR C 102 -29.70 0.34 0.89
N LEU C 103 -29.93 1.18 1.89
CA LEU C 103 -30.89 2.26 1.79
C LEU C 103 -30.53 3.26 0.72
N VAL C 104 -29.35 3.86 0.82
CA VAL C 104 -28.92 4.85 -0.16
C VAL C 104 -28.99 4.38 -1.62
N PHE C 105 -28.76 3.10 -1.86
CA PHE C 105 -28.79 2.54 -3.22
C PHE C 105 -30.07 1.88 -3.69
N TYR C 106 -30.74 1.13 -2.81
CA TYR C 106 -31.95 0.42 -3.22
C TYR C 106 -33.19 0.72 -2.40
N ALA C 107 -33.22 1.88 -1.76
CA ALA C 107 -34.36 2.28 -0.95
C ALA C 107 -35.60 2.35 -1.85
N PRO C 108 -36.79 2.10 -1.27
CA PRO C 108 -38.04 2.15 -2.03
C PRO C 108 -38.35 3.59 -2.43
N PHE C 109 -38.64 3.80 -3.71
CA PHE C 109 -38.94 5.13 -4.22
C PHE C 109 -37.67 5.98 -4.00
N ASP C 110 -36.60 5.33 -3.57
CA ASP C 110 -35.32 5.96 -3.28
C ASP C 110 -35.57 7.15 -2.36
N GLY C 111 -36.20 6.85 -1.23
CA GLY C 111 -36.52 7.89 -0.29
C GLY C 111 -35.37 8.37 0.56
N ILE C 112 -34.67 7.44 1.19
CA ILE C 112 -33.56 7.80 2.06
C ILE C 112 -32.59 8.73 1.33
N TYR C 113 -32.33 8.45 0.05
CA TYR C 113 -31.42 9.27 -0.76
C TYR C 113 -31.95 10.68 -0.93
N LYS C 114 -33.19 10.79 -1.41
CA LYS C 114 -33.82 12.08 -1.62
C LYS C 114 -33.85 12.93 -0.34
N ILE C 115 -34.34 12.34 0.74
CA ILE C 115 -34.41 13.03 2.03
C ILE C 115 -33.09 13.70 2.36
N ALA C 116 -31.99 12.99 2.09
CA ALA C 116 -30.66 13.52 2.37
C ALA C 116 -30.30 14.69 1.43
N LYS C 117 -31.03 14.79 0.33
CA LYS C 117 -30.78 15.85 -0.66
C LYS C 117 -31.24 17.25 -0.27
N ILE C 118 -32.33 17.35 0.47
CA ILE C 118 -32.86 18.65 0.90
C ILE C 118 -31.83 19.45 1.70
N THR C 119 -31.71 20.73 1.37
CA THR C 119 -30.75 21.62 2.02
C THR C 119 -30.76 21.54 3.55
N PRO C 120 -31.95 21.37 4.16
CA PRO C 120 -32.00 21.28 5.62
C PRO C 120 -31.32 20.01 6.13
N VAL C 121 -31.74 18.85 5.60
CA VAL C 121 -31.16 17.58 6.04
C VAL C 121 -29.67 17.44 5.72
N LYS C 122 -29.29 17.68 4.47
CA LYS C 122 -27.89 17.58 4.09
C LYS C 122 -27.07 18.45 5.02
N CYS C 123 -27.72 19.49 5.52
CA CYS C 123 -27.10 20.44 6.43
C CYS C 123 -26.95 19.85 7.82
N VAL C 124 -28.01 19.22 8.30
CA VAL C 124 -27.99 18.59 9.61
C VAL C 124 -26.86 17.55 9.62
N LEU C 125 -26.94 16.62 8.68
CA LEU C 125 -25.95 15.55 8.53
C LEU C 125 -24.54 16.11 8.43
N ALA C 126 -24.36 17.13 7.61
CA ALA C 126 -23.06 17.77 7.41
C ALA C 126 -22.37 18.09 8.73
N VAL C 127 -23.13 18.68 9.66
CA VAL C 127 -22.61 19.07 10.97
C VAL C 127 -22.20 17.89 11.84
N MET C 128 -23.13 16.96 12.06
CA MET C 128 -22.89 15.77 12.87
C MET C 128 -21.59 15.09 12.45
N LYS C 129 -21.45 14.87 11.15
CA LYS C 129 -20.27 14.23 10.60
C LYS C 129 -19.04 14.99 11.09
N GLU C 130 -19.17 16.32 11.19
CA GLU C 130 -18.09 17.17 11.65
C GLU C 130 -17.72 16.90 13.10
N VAL C 131 -18.72 16.55 13.88
CA VAL C 131 -18.51 16.20 15.29
C VAL C 131 -17.74 14.89 15.20
N LYS C 132 -18.27 14.00 14.37
CA LYS C 132 -17.71 12.68 14.12
C LYS C 132 -16.24 12.79 13.72
N ARG C 133 -15.89 13.79 12.93
CA ARG C 133 -14.50 13.98 12.52
C ARG C 133 -13.68 14.29 13.77
N ALA C 134 -14.15 15.27 14.52
CA ALA C 134 -13.49 15.70 15.76
C ALA C 134 -13.12 14.45 16.54
N TYR C 135 -14.12 13.58 16.65
CA TYR C 135 -13.97 12.32 17.33
C TYR C 135 -12.75 11.57 16.78
N LYS C 136 -12.75 11.35 15.46
CA LYS C 136 -11.68 10.63 14.75
C LYS C 136 -10.31 11.23 14.97
N VAL C 137 -10.19 12.54 14.75
CA VAL C 137 -8.91 13.22 14.94
C VAL C 137 -8.38 12.85 16.31
N SER C 138 -9.25 13.02 17.29
CA SER C 138 -8.94 12.71 18.68
C SER C 138 -8.26 11.34 18.82
N HIS C 139 -9.05 10.28 18.69
CA HIS C 139 -8.57 8.90 18.82
C HIS C 139 -7.34 8.59 18.02
N GLY C 140 -7.17 9.28 16.91
CA GLY C 140 -5.99 9.06 16.12
C GLY C 140 -4.80 9.49 16.95
N VAL C 141 -4.91 10.69 17.53
CA VAL C 141 -3.85 11.27 18.35
C VAL C 141 -3.65 10.41 19.57
N SER C 142 -4.76 9.97 20.12
CA SER C 142 -4.74 9.14 21.29
C SER C 142 -3.97 7.86 21.02
N HIS C 143 -4.51 6.98 20.16
CA HIS C 143 -3.89 5.69 19.84
C HIS C 143 -2.44 5.76 19.40
N ALA C 144 -2.05 6.89 18.81
CA ALA C 144 -0.66 7.04 18.38
C ALA C 144 0.17 7.25 19.65
N ALA C 145 -0.36 8.10 20.53
CA ALA C 145 0.26 8.44 21.81
C ALA C 145 0.35 7.18 22.67
N LYS C 146 -0.68 6.35 22.62
CA LYS C 146 -0.69 5.11 23.38
C LYS C 146 0.58 4.30 23.07
N LEU C 147 0.87 4.14 21.78
CA LEU C 147 2.04 3.35 21.34
C LEU C 147 3.37 4.07 21.46
N TYR C 148 3.41 5.31 20.99
CA TYR C 148 4.62 6.12 21.05
C TYR C 148 4.20 7.49 21.57
N PRO C 149 4.09 7.63 22.91
CA PRO C 149 3.68 8.92 23.50
C PRO C 149 4.70 10.05 23.44
N ASN C 150 5.89 9.77 22.93
CA ASN C 150 6.91 10.81 22.83
C ASN C 150 7.09 11.36 21.41
N SER C 151 6.76 10.53 20.44
CA SER C 151 6.85 10.91 19.04
C SER C 151 5.53 11.63 18.79
N TYR C 152 5.60 12.96 18.84
CA TYR C 152 4.41 13.80 18.69
C TYR C 152 3.97 14.00 17.25
N ILE C 153 4.92 13.97 16.32
CA ILE C 153 4.61 14.14 14.91
C ILE C 153 3.66 13.01 14.48
N VAL C 154 4.08 11.77 14.76
CA VAL C 154 3.31 10.58 14.45
C VAL C 154 1.90 10.74 14.98
N GLN C 155 1.77 11.16 16.24
CA GLN C 155 0.45 11.36 16.83
C GLN C 155 -0.37 12.36 16.02
N VAL C 156 0.32 13.31 15.39
CA VAL C 156 -0.35 14.33 14.60
C VAL C 156 -0.70 13.83 13.19
N LEU C 157 0.27 13.23 12.50
CA LEU C 157 -0.02 12.70 11.16
C LEU C 157 -1.22 11.77 11.31
N VAL C 158 -1.08 10.79 12.20
CA VAL C 158 -2.11 9.79 12.47
C VAL C 158 -3.43 10.39 12.91
N GLY C 159 -3.37 11.59 13.47
CA GLY C 159 -4.59 12.25 13.88
C GLY C 159 -5.23 12.87 12.65
N THR C 160 -4.38 13.52 11.86
CA THR C 160 -4.79 14.17 10.60
C THR C 160 -5.28 13.11 9.59
N ALA C 161 -4.56 11.98 9.52
CA ALA C 161 -4.92 10.89 8.64
C ALA C 161 -6.32 10.52 9.03
N LYS C 162 -6.45 10.14 10.30
CA LYS C 162 -7.72 9.74 10.87
C LYS C 162 -8.83 10.78 10.63
N GLY C 163 -8.46 12.05 10.71
CA GLY C 163 -9.44 13.10 10.55
C GLY C 163 -9.86 13.50 9.15
N ALA C 164 -8.87 13.75 8.30
CA ALA C 164 -9.14 14.15 6.93
C ALA C 164 -8.30 13.34 5.94
N GLY C 165 -8.36 12.01 6.03
CA GLY C 165 -7.57 11.20 5.12
C GLY C 165 -8.35 10.33 4.16
N SER C 166 -9.68 10.39 4.21
CA SER C 166 -10.50 9.58 3.32
C SER C 166 -10.19 9.85 1.84
N GLY C 167 -9.68 11.05 1.55
CA GLY C 167 -9.35 11.37 0.18
C GLY C 167 -8.30 10.43 -0.39
N ILE C 168 -7.33 10.03 0.43
CA ILE C 168 -6.31 9.13 -0.07
C ILE C 168 -6.94 7.81 -0.47
N VAL C 169 -7.82 7.30 0.38
CA VAL C 169 -8.49 6.04 0.09
C VAL C 169 -9.35 6.17 -1.17
N ARG C 170 -10.04 7.30 -1.31
CA ARG C 170 -10.87 7.49 -2.49
C ARG C 170 -9.99 7.37 -3.73
N THR C 171 -8.87 8.07 -3.70
CA THR C 171 -7.93 8.05 -4.81
C THR C 171 -7.50 6.63 -5.20
N LEU C 172 -6.92 5.90 -4.26
CA LEU C 172 -6.50 4.53 -4.55
C LEU C 172 -7.66 3.65 -5.00
N GLU C 173 -8.87 3.92 -4.52
CA GLU C 173 -10.01 3.12 -4.92
C GLU C 173 -10.31 3.33 -6.41
N GLN C 174 -10.22 4.59 -6.85
CA GLN C 174 -10.46 4.92 -8.24
C GLN C 174 -9.33 4.33 -9.08
N LEU C 175 -8.10 4.50 -8.62
CA LEU C 175 -6.99 3.93 -9.38
C LEU C 175 -7.17 2.45 -9.60
N VAL C 176 -7.62 1.73 -8.59
CA VAL C 176 -7.81 0.31 -8.79
C VAL C 176 -9.03 0.00 -9.65
N ARG C 177 -10.00 0.91 -9.67
CA ARG C 177 -11.21 0.73 -10.48
C ARG C 177 -11.02 1.22 -11.90
N GLY C 178 -9.85 1.78 -12.17
CA GLY C 178 -9.56 2.25 -13.51
C GLY C 178 -10.38 3.47 -13.89
N VAL C 179 -10.52 4.39 -12.96
CA VAL C 179 -11.26 5.61 -13.21
C VAL C 179 -10.52 6.75 -12.53
N TRP C 180 -10.50 7.92 -13.14
CA TRP C 180 -9.84 9.03 -12.50
C TRP C 180 -10.77 10.24 -12.48
N LEU C 181 -11.57 10.31 -11.43
CA LEU C 181 -12.52 11.38 -11.24
C LEU C 181 -11.85 12.28 -10.17
N PRO C 182 -10.86 13.09 -10.59
CA PRO C 182 -10.05 14.03 -9.78
C PRO C 182 -10.81 15.17 -9.15
N THR C 183 -12.06 15.33 -9.56
CA THR C 183 -12.86 16.40 -9.01
C THR C 183 -13.26 16.01 -7.60
N HIS C 184 -12.27 15.54 -6.84
CA HIS C 184 -12.45 15.12 -5.43
C HIS C 184 -13.02 16.32 -4.68
N ASN C 185 -12.96 17.47 -5.34
CA ASN C 185 -13.39 18.74 -4.77
C ASN C 185 -14.90 19.03 -4.76
N GLU C 186 -15.61 18.48 -3.78
CA GLU C 186 -17.04 18.73 -3.65
C GLU C 186 -17.16 20.17 -3.17
N LEU C 187 -16.74 20.40 -1.93
CA LEU C 187 -16.75 21.72 -1.31
C LEU C 187 -15.30 22.17 -1.19
N LEU C 188 -15.10 23.44 -0.85
CA LEU C 188 -13.74 23.98 -0.69
C LEU C 188 -13.33 23.71 0.75
N ARG C 189 -14.32 23.44 1.61
CA ARG C 189 -14.07 23.18 3.03
C ARG C 189 -13.19 21.97 3.29
N PRO C 190 -13.36 20.87 2.52
CA PRO C 190 -12.50 19.72 2.78
C PRO C 190 -11.01 20.10 2.65
N SER C 191 -10.73 21.37 2.39
CA SER C 191 -9.37 21.89 2.27
C SER C 191 -9.02 22.59 3.60
N PHE C 192 -10.07 22.98 4.33
CA PHE C 192 -9.91 23.61 5.63
C PHE C 192 -10.05 22.44 6.59
N ALA C 193 -10.64 21.36 6.08
CA ALA C 193 -10.85 20.17 6.87
C ALA C 193 -9.55 19.51 7.23
N THR C 194 -8.66 19.35 6.25
CA THR C 194 -7.39 18.71 6.54
C THR C 194 -6.51 19.58 7.43
N LYS C 195 -6.59 20.90 7.29
CA LYS C 195 -5.78 21.78 8.13
C LYS C 195 -6.34 21.86 9.55
N ALA C 196 -7.67 22.00 9.67
CA ALA C 196 -8.30 22.06 10.98
C ALA C 196 -7.89 20.79 11.72
N CYS C 197 -7.93 19.66 11.02
CA CYS C 197 -7.55 18.38 11.58
C CYS C 197 -6.08 18.38 11.95
N VAL C 198 -5.25 19.13 11.23
CA VAL C 198 -3.83 19.16 11.55
C VAL C 198 -3.53 19.90 12.85
N VAL C 199 -4.34 20.92 13.11
CA VAL C 199 -4.19 21.74 14.32
C VAL C 199 -4.79 21.02 15.52
N ALA C 200 -6.10 20.77 15.43
CA ALA C 200 -6.81 20.07 16.50
C ALA C 200 -6.03 18.82 16.88
N ALA C 201 -5.17 18.37 15.96
CA ALA C 201 -4.35 17.19 16.19
C ALA C 201 -3.20 17.58 17.10
N SER C 202 -2.45 18.60 16.68
CA SER C 202 -1.29 19.08 17.44
C SER C 202 -1.69 19.69 18.79
N VAL C 203 -2.94 20.12 18.90
CA VAL C 203 -3.44 20.69 20.15
C VAL C 203 -3.62 19.53 21.11
N LEU C 204 -4.27 18.47 20.64
CA LEU C 204 -4.50 17.28 21.44
C LEU C 204 -3.23 16.49 21.69
N ALA C 205 -2.23 16.69 20.86
CA ALA C 205 -0.97 15.97 21.02
C ALA C 205 -0.11 16.66 22.07
N LEU C 206 -0.43 17.94 22.26
CA LEU C 206 0.22 18.84 23.22
C LEU C 206 -0.37 18.51 24.58
N GLU C 207 -1.69 18.60 24.64
CA GLU C 207 -2.42 18.28 25.85
C GLU C 207 -1.81 17.03 26.46
N LYS C 208 -1.91 15.90 25.77
CA LYS C 208 -1.36 14.66 26.30
C LYS C 208 0.09 14.77 26.73
N SER C 209 0.87 15.63 26.09
CA SER C 209 2.26 15.77 26.50
C SER C 209 2.25 16.47 27.86
N GLY C 210 1.30 17.39 28.01
CA GLY C 210 1.17 18.15 29.24
C GLY C 210 2.40 18.94 29.61
N THR C 211 3.53 18.63 28.97
CA THR C 211 4.81 19.28 29.23
C THR C 211 4.84 20.81 29.14
N TYR C 212 3.98 21.41 28.32
CA TYR C 212 3.99 22.86 28.18
C TYR C 212 2.74 23.67 28.48
N LEU C 213 1.66 23.01 28.92
CA LEU C 213 0.45 23.73 29.27
C LEU C 213 -0.65 22.86 29.85
N THR C 214 -1.46 23.49 30.72
CA THR C 214 -2.58 22.84 31.40
C THR C 214 -3.92 23.47 31.02
N ALA C 215 -4.86 22.63 30.60
CA ALA C 215 -6.20 23.07 30.22
C ALA C 215 -7.15 21.89 30.42
N PRO C 216 -8.45 22.18 30.63
CA PRO C 216 -9.44 21.10 30.83
C PRO C 216 -9.69 20.30 29.55
N HIS C 217 -9.59 18.98 29.66
CA HIS C 217 -9.80 18.09 28.52
C HIS C 217 -11.16 18.27 27.85
N ASP C 218 -12.18 18.57 28.66
CA ASP C 218 -13.54 18.74 28.14
C ASP C 218 -13.83 20.09 27.52
N LEU C 219 -13.01 21.09 27.84
CA LEU C 219 -13.21 22.43 27.27
C LEU C 219 -12.51 22.50 25.91
N VAL C 220 -11.25 22.05 25.89
CA VAL C 220 -10.45 22.03 24.69
C VAL C 220 -11.07 21.13 23.62
N TYR C 221 -11.51 19.93 24.01
CA TYR C 221 -12.13 19.04 23.06
C TYR C 221 -13.41 19.70 22.56
N LEU C 222 -14.12 20.36 23.47
CA LEU C 222 -15.36 21.03 23.13
C LEU C 222 -15.13 22.19 22.18
N VAL C 223 -13.99 22.86 22.31
CA VAL C 223 -13.72 23.99 21.43
C VAL C 223 -13.49 23.52 19.99
N ILE C 224 -12.68 22.49 19.79
CA ILE C 224 -12.42 21.98 18.44
C ILE C 224 -13.70 21.47 17.78
N VAL C 225 -14.49 20.69 18.51
CA VAL C 225 -15.75 20.16 17.99
C VAL C 225 -16.59 21.30 17.44
N GLY C 226 -16.49 22.45 18.09
CA GLY C 226 -17.23 23.62 17.66
C GLY C 226 -16.53 24.25 16.47
N PHE C 227 -15.21 24.17 16.46
CA PHE C 227 -14.43 24.74 15.36
C PHE C 227 -14.59 23.96 14.07
N PHE C 228 -14.65 22.64 14.14
CA PHE C 228 -14.84 21.83 12.93
C PHE C 228 -16.24 22.14 12.41
N VAL C 229 -17.17 22.38 13.34
CA VAL C 229 -18.54 22.68 12.97
C VAL C 229 -18.63 24.11 12.44
N TYR C 230 -17.76 24.97 12.96
CA TYR C 230 -17.73 26.37 12.52
C TYR C 230 -17.41 26.42 11.02
N PHE C 231 -16.28 25.85 10.64
CA PHE C 231 -15.86 25.82 9.24
C PHE C 231 -16.89 25.12 8.37
N LYS C 232 -17.54 24.10 8.90
CA LYS C 232 -18.55 23.38 8.13
C LYS C 232 -19.79 24.26 7.98
N LEU C 233 -20.07 25.06 9.01
CA LEU C 233 -21.23 25.96 8.99
C LEU C 233 -20.96 27.09 7.99
N SER C 234 -19.75 27.64 8.05
CA SER C 234 -19.33 28.73 7.16
C SER C 234 -19.52 28.35 5.70
N ALA C 235 -19.49 27.05 5.41
CA ALA C 235 -19.65 26.55 4.05
C ALA C 235 -21.11 26.69 3.63
N VAL C 236 -22.02 26.40 4.55
CA VAL C 236 -23.45 26.47 4.25
C VAL C 236 -24.07 27.86 4.48
N ILE C 237 -23.57 28.59 5.47
CA ILE C 237 -24.09 29.92 5.78
C ILE C 237 -23.42 31.06 4.99
N LEU C 238 -22.19 30.82 4.51
CA LEU C 238 -21.49 31.83 3.72
C LEU C 238 -21.66 31.53 2.23
N HIS C 239 -21.76 30.24 1.90
CA HIS C 239 -21.95 29.80 0.51
C HIS C 239 -22.52 28.39 0.45
#